data_2MKA
#
_entry.id   2MKA
#
_entity_poly.entity_id   1
_entity_poly.type   'polypeptide(L)'
_entity_poly.pdbx_seq_one_letter_code
;MDSAPFELFFMINTSILLIFIFIVLLIHFEGWRI
;
_entity_poly.pdbx_strand_id   A,B,C
#
# COMPACT_ATOMS: atom_id res chain seq x y z
N MET A 1 -21.87 -6.67 -11.06
CA MET A 1 -23.07 -6.29 -10.32
C MET A 1 -23.11 -6.97 -8.96
N ASP A 2 -21.93 -7.31 -8.45
CA ASP A 2 -21.82 -7.97 -7.14
C ASP A 2 -20.47 -7.68 -6.50
N SER A 3 -20.48 -6.97 -5.38
CA SER A 3 -19.25 -6.63 -4.67
C SER A 3 -19.21 -7.30 -3.30
N ALA A 4 -19.72 -8.52 -3.23
CA ALA A 4 -19.74 -9.27 -1.98
C ALA A 4 -18.35 -9.71 -1.59
N PRO A 5 -17.71 -10.53 -2.45
CA PRO A 5 -16.36 -11.03 -2.21
C PRO A 5 -15.30 -9.94 -2.30
N PHE A 6 -15.50 -9.00 -3.22
CA PHE A 6 -14.57 -7.91 -3.41
C PHE A 6 -14.51 -7.01 -2.17
N GLU A 7 -15.65 -6.90 -1.49
CA GLU A 7 -15.73 -6.08 -0.28
C GLU A 7 -14.77 -6.59 0.79
N LEU A 8 -14.90 -7.86 1.15
CA LEU A 8 -14.05 -8.47 2.17
C LEU A 8 -12.58 -8.24 1.84
N PHE A 9 -12.19 -8.57 0.61
CA PHE A 9 -10.81 -8.40 0.17
C PHE A 9 -10.31 -6.98 0.47
N PHE A 10 -11.13 -6.00 0.13
CA PHE A 10 -10.78 -4.60 0.36
C PHE A 10 -10.82 -4.26 1.85
N MET A 11 -11.65 -5.01 2.60
CA MET A 11 -11.79 -4.78 4.03
C MET A 11 -10.55 -5.30 4.78
N ILE A 12 -10.28 -6.59 4.63
CA ILE A 12 -9.14 -7.21 5.29
C ILE A 12 -7.83 -6.52 4.90
N ASN A 13 -7.74 -6.14 3.63
CA ASN A 13 -6.55 -5.46 3.13
C ASN A 13 -6.34 -4.12 3.82
N THR A 14 -7.40 -3.32 3.87
CA THR A 14 -7.33 -2.01 4.50
C THR A 14 -6.66 -2.09 5.86
N SER A 15 -6.86 -3.21 6.55
CA SER A 15 -6.26 -3.40 7.87
C SER A 15 -4.74 -3.48 7.78
N ILE A 16 -4.24 -4.51 7.09
CA ILE A 16 -2.81 -4.69 6.93
C ILE A 16 -2.17 -3.47 6.27
N LEU A 17 -2.89 -2.87 5.32
CA LEU A 17 -2.40 -1.69 4.61
C LEU A 17 -2.29 -0.49 5.56
N LEU A 18 -3.38 -0.21 6.27
CA LEU A 18 -3.41 0.91 7.20
C LEU A 18 -2.36 0.73 8.30
N ILE A 19 -2.18 -0.52 8.74
CA ILE A 19 -1.21 -0.82 9.79
C ILE A 19 0.20 -0.43 9.35
N PHE A 20 0.63 -0.98 8.22
CA PHE A 20 1.96 -0.70 7.70
C PHE A 20 2.08 0.76 7.28
N ILE A 21 1.10 1.24 6.54
CA ILE A 21 1.08 2.63 6.08
C ILE A 21 1.19 3.60 7.25
N PHE A 22 0.37 3.38 8.27
CA PHE A 22 0.37 4.23 9.45
C PHE A 22 1.62 4.02 10.28
N ILE A 23 1.91 2.76 10.60
CA ILE A 23 3.09 2.42 11.39
C ILE A 23 4.34 3.10 10.84
N VAL A 24 4.57 2.91 9.54
CA VAL A 24 5.73 3.50 8.89
C VAL A 24 5.73 5.02 9.04
N LEU A 25 4.61 5.64 8.70
CA LEU A 25 4.47 7.09 8.80
C LEU A 25 4.79 7.57 10.21
N LEU A 26 4.23 6.88 11.20
CA LEU A 26 4.45 7.23 12.60
C LEU A 26 5.94 7.30 12.92
N ILE A 27 6.63 6.18 12.71
CA ILE A 27 8.06 6.10 12.98
C ILE A 27 8.81 7.17 12.19
N HIS A 28 8.54 7.24 10.90
CA HIS A 28 9.20 8.22 10.02
C HIS A 28 9.16 9.61 10.65
N PHE A 29 8.06 9.92 11.34
CA PHE A 29 7.91 11.22 11.98
C PHE A 29 8.27 11.12 13.46
N GLU A 30 8.29 9.91 13.99
CA GLU A 30 8.61 9.70 15.40
C GLU A 30 10.09 9.93 15.66
N GLY A 31 10.83 10.24 14.60
CA GLY A 31 12.25 10.49 14.73
C GLY A 31 13.08 9.59 13.83
N TRP A 32 12.71 9.53 12.56
CA TRP A 32 13.44 8.70 11.59
C TRP A 32 14.05 9.55 10.50
N ARG A 33 14.19 10.84 10.77
CA ARG A 33 14.77 11.77 9.80
C ARG A 33 16.20 12.16 10.20
N ILE A 34 16.93 11.21 10.75
CA ILE A 34 18.30 11.44 11.19
C ILE A 34 19.18 11.87 10.02
N MET B 1 -4.49 -27.79 3.88
CA MET B 1 -3.26 -28.50 3.56
C MET B 1 -2.70 -28.07 2.22
N ASP B 2 -3.03 -26.84 1.81
CA ASP B 2 -2.56 -26.30 0.54
C ASP B 2 -2.51 -24.77 0.58
N SER B 3 -1.31 -24.22 0.47
CA SER B 3 -1.13 -22.77 0.50
C SER B 3 -0.63 -22.26 -0.85
N ALA B 4 -1.14 -22.86 -1.92
CA ALA B 4 -0.76 -22.46 -3.27
C ALA B 4 -1.33 -21.09 -3.63
N PRO B 5 -2.67 -21.00 -3.61
CA PRO B 5 -3.38 -19.74 -3.92
C PRO B 5 -3.18 -18.68 -2.86
N PHE B 6 -3.10 -19.12 -1.60
CA PHE B 6 -2.90 -18.20 -0.48
C PHE B 6 -1.54 -17.52 -0.56
N GLU B 7 -0.54 -18.25 -1.05
CA GLU B 7 0.80 -17.72 -1.18
C GLU B 7 0.82 -16.48 -2.07
N LEU B 8 0.29 -16.62 -3.29
CA LEU B 8 0.24 -15.52 -4.24
C LEU B 8 -0.40 -14.29 -3.61
N PHE B 9 -1.56 -14.48 -2.99
CA PHE B 9 -2.28 -13.39 -2.35
C PHE B 9 -1.37 -12.62 -1.40
N PHE B 10 -0.62 -13.34 -0.58
CA PHE B 10 0.30 -12.73 0.37
C PHE B 10 1.49 -12.12 -0.35
N MET B 11 1.81 -12.65 -1.52
CA MET B 11 2.94 -12.16 -2.30
C MET B 11 2.60 -10.84 -2.97
N ILE B 12 1.56 -10.84 -3.81
CA ILE B 12 1.14 -9.64 -4.51
C ILE B 12 0.83 -8.52 -3.52
N ASN B 13 0.18 -8.87 -2.40
CA ASN B 13 -0.17 -7.89 -1.38
C ASN B 13 1.08 -7.27 -0.76
N THR B 14 1.92 -8.12 -0.17
CA THR B 14 3.15 -7.66 0.45
C THR B 14 4.00 -6.85 -0.52
N SER B 15 3.99 -7.25 -1.78
CA SER B 15 4.76 -6.56 -2.81
C SER B 15 4.30 -5.12 -2.95
N ILE B 16 3.05 -4.93 -3.35
CA ILE B 16 2.50 -3.60 -3.52
C ILE B 16 2.75 -2.73 -2.29
N LEU B 17 2.49 -3.30 -1.12
CA LEU B 17 2.70 -2.57 0.13
C LEU B 17 4.17 -2.21 0.32
N LEU B 18 5.03 -3.21 0.30
CA LEU B 18 6.46 -3.00 0.46
C LEU B 18 6.97 -1.96 -0.53
N ILE B 19 6.37 -1.93 -1.71
CA ILE B 19 6.75 -0.99 -2.75
C ILE B 19 6.51 0.45 -2.30
N PHE B 20 5.27 0.75 -1.92
CA PHE B 20 4.91 2.08 -1.47
C PHE B 20 5.67 2.46 -0.21
N ILE B 21 5.79 1.51 0.72
CA ILE B 21 6.50 1.75 1.96
C ILE B 21 7.98 2.04 1.70
N PHE B 22 8.63 1.15 0.98
CA PHE B 22 10.05 1.31 0.66
C PHE B 22 10.27 2.56 -0.20
N ILE B 23 9.53 2.66 -1.29
CA ILE B 23 9.64 3.79 -2.19
C ILE B 23 9.67 5.11 -1.42
N VAL B 24 8.72 5.26 -0.50
CA VAL B 24 8.63 6.47 0.32
C VAL B 24 9.91 6.69 1.11
N LEU B 25 10.33 5.66 1.85
CA LEU B 25 11.55 5.74 2.65
C LEU B 25 12.76 6.07 1.79
N LEU B 26 12.83 5.44 0.62
CA LEU B 26 13.94 5.67 -0.29
C LEU B 26 14.09 7.16 -0.61
N ILE B 27 13.02 7.77 -1.12
CA ILE B 27 13.03 9.18 -1.45
C ILE B 27 13.40 10.04 -0.24
N HIS B 28 12.70 9.81 0.87
CA HIS B 28 12.96 10.56 2.09
C HIS B 28 14.46 10.59 2.41
N PHE B 29 15.15 9.51 2.08
CA PHE B 29 16.58 9.41 2.32
C PHE B 29 17.38 9.80 1.08
N GLU B 30 16.72 9.71 -0.08
CA GLU B 30 17.37 10.06 -1.34
C GLU B 30 17.55 11.56 -1.46
N GLY B 31 17.08 12.30 -0.45
CA GLY B 31 17.21 13.74 -0.47
C GLY B 31 15.87 14.44 -0.28
N TRP B 32 15.09 13.96 0.69
CA TRP B 32 13.79 14.55 0.97
C TRP B 32 13.61 14.79 2.46
N ARG B 33 14.72 14.82 3.20
CA ARG B 33 14.68 15.04 4.64
C ARG B 33 15.04 16.48 4.98
N ILE B 34 14.59 17.41 4.12
CA ILE B 34 14.87 18.82 4.34
C ILE B 34 14.19 19.33 5.61
N MET C 1 4.03 -10.66 -26.32
CA MET C 1 3.67 -9.69 -27.35
C MET C 1 2.24 -9.20 -27.16
N ASP C 2 1.77 -9.23 -25.92
CA ASP C 2 0.41 -8.78 -25.59
C ASP C 2 0.33 -8.31 -24.15
N SER C 3 0.06 -7.02 -23.97
CA SER C 3 -0.04 -6.44 -22.64
C SER C 3 -1.47 -5.96 -22.37
N ALA C 4 -2.45 -6.72 -22.85
CA ALA C 4 -3.85 -6.38 -22.66
C ALA C 4 -4.27 -6.57 -21.21
N PRO C 5 -4.16 -7.82 -20.71
CA PRO C 5 -4.52 -8.16 -19.34
C PRO C 5 -3.56 -7.57 -18.31
N PHE C 6 -2.28 -7.49 -18.69
CA PHE C 6 -1.26 -6.94 -17.81
C PHE C 6 -1.49 -5.46 -17.56
N GLU C 7 -2.01 -4.77 -18.57
CA GLU C 7 -2.28 -3.34 -18.46
C GLU C 7 -3.27 -3.06 -17.33
N LEU C 8 -4.42 -3.72 -17.38
CA LEU C 8 -5.45 -3.55 -16.37
C LEU C 8 -4.87 -3.75 -14.96
N PHE C 9 -4.16 -4.86 -14.78
CA PHE C 9 -3.55 -5.16 -13.49
C PHE C 9 -2.74 -3.98 -12.97
N PHE C 10 -1.92 -3.40 -13.84
CA PHE C 10 -1.09 -2.26 -13.47
C PHE C 10 -1.94 -1.01 -13.28
N MET C 11 -3.08 -0.97 -13.95
CA MET C 11 -3.99 0.16 -13.85
C MET C 11 -4.72 0.17 -12.51
N ILE C 12 -5.45 -0.91 -12.25
CA ILE C 12 -6.20 -1.03 -11.00
C ILE C 12 -5.29 -0.94 -9.79
N ASN C 13 -4.09 -1.50 -9.92
CA ASN C 13 -3.10 -1.49 -8.84
C ASN C 13 -2.69 -0.05 -8.52
N THR C 14 -2.06 0.61 -9.49
CA THR C 14 -1.61 1.99 -9.31
C THR C 14 -2.73 2.88 -8.78
N SER C 15 -3.95 2.62 -9.25
CA SER C 15 -5.10 3.40 -8.84
C SER C 15 -5.38 3.21 -7.35
N ILE C 16 -5.71 1.98 -6.97
CA ILE C 16 -6.00 1.66 -5.58
C ILE C 16 -4.88 2.13 -4.66
N LEU C 17 -3.64 1.98 -5.12
CA LEU C 17 -2.47 2.39 -4.35
C LEU C 17 -2.43 3.91 -4.21
N LEU C 18 -2.38 4.60 -5.34
CA LEU C 18 -2.32 6.05 -5.35
C LEU C 18 -3.44 6.64 -4.50
N ILE C 19 -4.59 5.96 -4.47
CA ILE C 19 -5.73 6.42 -3.70
C ILE C 19 -5.42 6.40 -2.20
N PHE C 20 -5.09 5.21 -1.69
CA PHE C 20 -4.77 5.05 -0.27
C PHE C 20 -3.52 5.87 0.10
N ILE C 21 -2.52 5.82 -0.77
CA ILE C 21 -1.28 6.56 -0.53
C ILE C 21 -1.55 8.04 -0.30
N PHE C 22 -2.30 8.65 -1.22
CA PHE C 22 -2.63 10.07 -1.12
C PHE C 22 -3.65 10.31 -0.01
N ILE C 23 -4.77 9.60 -0.09
CA ILE C 23 -5.83 9.73 0.92
C ILE C 23 -5.26 9.61 2.32
N VAL C 24 -4.63 8.46 2.61
CA VAL C 24 -4.05 8.23 3.92
C VAL C 24 -3.08 9.35 4.31
N LEU C 25 -2.25 9.74 3.36
CA LEU C 25 -1.27 10.81 3.61
C LEU C 25 -1.97 12.12 3.96
N LEU C 26 -3.01 12.45 3.20
CA LEU C 26 -3.77 13.68 3.43
C LEU C 26 -4.28 13.74 4.87
N ILE C 27 -5.00 12.71 5.28
CA ILE C 27 -5.54 12.64 6.63
C ILE C 27 -4.43 12.70 7.67
N HIS C 28 -3.45 11.82 7.52
CA HIS C 28 -2.31 11.78 8.45
C HIS C 28 -1.75 13.17 8.69
N PHE C 29 -1.81 14.02 7.67
CA PHE C 29 -1.31 15.38 7.77
C PHE C 29 -2.43 16.34 8.13
N GLU C 30 -3.66 15.96 7.81
CA GLU C 30 -4.82 16.79 8.10
C GLU C 30 -5.12 16.81 9.59
N GLY C 31 -4.33 16.08 10.36
CA GLY C 31 -4.52 16.01 11.79
C GLY C 31 -4.67 14.59 12.30
N TRP C 32 -3.80 13.71 11.81
CA TRP C 32 -3.84 12.31 12.22
C TRP C 32 -2.42 11.78 12.48
N ARG C 33 -1.48 12.70 12.69
CA ARG C 33 -0.10 12.33 12.94
C ARG C 33 0.21 12.39 14.43
N ILE C 34 -0.74 11.96 15.25
CA ILE C 34 -0.56 11.98 16.70
C ILE C 34 0.62 11.12 17.11
N MET A 1 -23.90 -9.07 -9.07
CA MET A 1 -24.85 -9.33 -8.00
C MET A 1 -24.30 -10.35 -7.01
N ASP A 2 -22.98 -10.37 -6.86
CA ASP A 2 -22.32 -11.29 -5.94
C ASP A 2 -20.97 -10.76 -5.50
N SER A 3 -20.82 -10.53 -4.20
CA SER A 3 -19.57 -10.01 -3.65
C SER A 3 -19.04 -10.93 -2.55
N ALA A 4 -19.22 -12.23 -2.74
CA ALA A 4 -18.74 -13.21 -1.78
C ALA A 4 -17.22 -13.32 -1.78
N PRO A 5 -16.67 -13.68 -2.94
CA PRO A 5 -15.21 -13.82 -3.10
C PRO A 5 -14.49 -12.48 -3.07
N PHE A 6 -15.12 -11.46 -3.63
CA PHE A 6 -14.55 -10.12 -3.68
C PHE A 6 -14.37 -9.57 -2.27
N GLU A 7 -15.30 -9.91 -1.39
CA GLU A 7 -15.25 -9.44 0.00
C GLU A 7 -13.96 -9.91 0.68
N LEU A 8 -13.75 -11.21 0.71
CA LEU A 8 -12.56 -11.78 1.33
C LEU A 8 -11.29 -11.13 0.78
N PHE A 9 -11.23 -11.01 -0.54
CA PHE A 9 -10.07 -10.41 -1.20
C PHE A 9 -9.75 -9.05 -0.59
N PHE A 10 -10.77 -8.23 -0.40
CA PHE A 10 -10.61 -6.90 0.17
C PHE A 10 -10.31 -6.99 1.66
N MET A 11 -10.77 -8.06 2.29
CA MET A 11 -10.55 -8.27 3.71
C MET A 11 -9.08 -8.58 4.01
N ILE A 12 -8.42 -9.22 3.05
CA ILE A 12 -7.01 -9.57 3.21
C ILE A 12 -6.10 -8.40 2.82
N ASN A 13 -6.28 -7.89 1.61
CA ASN A 13 -5.48 -6.78 1.13
C ASN A 13 -5.54 -5.61 2.11
N THR A 14 -6.74 -5.26 2.54
CA THR A 14 -6.92 -4.17 3.49
C THR A 14 -6.07 -4.36 4.74
N SER A 15 -5.78 -5.62 5.06
CA SER A 15 -4.99 -5.95 6.23
C SER A 15 -3.56 -5.41 6.08
N ILE A 16 -2.84 -5.94 5.09
CA ILE A 16 -1.46 -5.50 4.85
C ILE A 16 -1.38 -4.00 4.68
N LEU A 17 -2.35 -3.43 3.97
CA LEU A 17 -2.39 -2.00 3.73
C LEU A 17 -2.63 -1.23 5.03
N LEU A 18 -3.71 -1.57 5.72
CA LEU A 18 -4.05 -0.92 6.98
C LEU A 18 -2.88 -1.01 7.96
N ILE A 19 -2.12 -2.09 7.88
CA ILE A 19 -0.98 -2.29 8.75
C ILE A 19 0.11 -1.26 8.50
N PHE A 20 0.56 -1.18 7.26
CA PHE A 20 1.60 -0.23 6.88
C PHE A 20 1.13 1.21 7.07
N ILE A 21 -0.14 1.45 6.74
CA ILE A 21 -0.73 2.77 6.89
C ILE A 21 -0.76 3.21 8.35
N PHE A 22 -1.33 2.36 9.19
CA PHE A 22 -1.43 2.66 10.61
C PHE A 22 -0.05 2.69 11.26
N ILE A 23 0.72 1.62 11.07
CA ILE A 23 2.06 1.54 11.64
C ILE A 23 2.83 2.83 11.41
N VAL A 24 2.74 3.36 10.19
CA VAL A 24 3.43 4.60 9.85
C VAL A 24 2.91 5.78 10.67
N LEU A 25 1.60 5.99 10.61
CA LEU A 25 0.97 7.08 11.35
C LEU A 25 1.30 6.98 12.84
N LEU A 26 1.22 5.77 13.38
CA LEU A 26 1.50 5.55 14.79
C LEU A 26 2.88 6.11 15.17
N ILE A 27 3.91 5.65 14.46
CA ILE A 27 5.27 6.10 14.72
C ILE A 27 5.39 7.61 14.54
N HIS A 28 4.93 8.10 13.39
CA HIS A 28 4.98 9.54 13.11
C HIS A 28 4.44 10.35 14.28
N PHE A 29 3.48 9.78 14.99
CA PHE A 29 2.89 10.45 16.15
C PHE A 29 3.55 9.99 17.45
N GLU A 30 4.15 8.82 17.41
CA GLU A 30 4.82 8.26 18.59
C GLU A 30 6.10 9.03 18.89
N GLY A 31 6.42 10.00 18.04
CA GLY A 31 7.61 10.79 18.24
C GLY A 31 8.51 10.80 17.02
N TRP A 32 7.91 10.99 15.85
CA TRP A 32 8.66 11.01 14.60
C TRP A 32 8.31 12.25 13.78
N ARG A 33 7.72 13.24 14.44
CA ARG A 33 7.33 14.48 13.77
C ARG A 33 8.29 15.62 14.12
N ILE A 34 9.56 15.29 14.28
CA ILE A 34 10.57 16.28 14.62
C ILE A 34 10.73 17.30 13.52
N MET B 1 -5.27 -26.63 1.23
CA MET B 1 -4.12 -27.49 1.06
C MET B 1 -3.42 -27.19 -0.27
N ASP B 2 -3.54 -25.95 -0.73
CA ASP B 2 -2.92 -25.53 -1.99
C ASP B 2 -2.68 -24.04 -2.01
N SER B 3 -1.41 -23.65 -2.09
CA SER B 3 -1.04 -22.24 -2.11
C SER B 3 -0.17 -21.91 -3.33
N ALA B 4 -0.49 -22.56 -4.45
CA ALA B 4 0.26 -22.35 -5.68
C ALA B 4 -0.05 -20.97 -6.28
N PRO B 5 -1.33 -20.74 -6.60
CA PRO B 5 -1.77 -19.47 -7.18
C PRO B 5 -1.72 -18.32 -6.18
N PHE B 6 -2.03 -18.63 -4.92
CA PHE B 6 -2.02 -17.62 -3.86
C PHE B 6 -0.61 -17.07 -3.65
N GLU B 7 0.39 -17.95 -3.83
CA GLU B 7 1.78 -17.55 -3.65
C GLU B 7 2.15 -16.42 -4.62
N LEU B 8 1.99 -16.68 -5.91
CA LEU B 8 2.30 -15.69 -6.94
C LEU B 8 1.60 -14.37 -6.65
N PHE B 9 0.31 -14.44 -6.34
CA PHE B 9 -0.48 -13.25 -6.04
C PHE B 9 0.22 -12.40 -4.99
N PHE B 10 0.68 -13.04 -3.92
CA PHE B 10 1.37 -12.33 -2.84
C PHE B 10 2.76 -11.89 -3.27
N MET B 11 3.33 -12.60 -4.23
CA MET B 11 4.66 -12.28 -4.74
C MET B 11 4.64 -10.99 -5.55
N ILE B 12 3.50 -10.73 -6.20
CA ILE B 12 3.35 -9.52 -7.01
C ILE B 12 2.94 -8.33 -6.15
N ASN B 13 1.84 -8.48 -5.41
CA ASN B 13 1.36 -7.41 -4.55
C ASN B 13 2.46 -6.92 -3.61
N THR B 14 3.15 -7.85 -2.97
CA THR B 14 4.22 -7.51 -2.06
C THR B 14 5.27 -6.63 -2.73
N SER B 15 5.38 -6.76 -4.05
CA SER B 15 6.34 -5.97 -4.80
C SER B 15 6.00 -4.48 -4.75
N ILE B 16 4.85 -4.13 -5.30
CA ILE B 16 4.39 -2.74 -5.31
C ILE B 16 4.38 -2.16 -3.91
N LEU B 17 3.93 -2.96 -2.94
CA LEU B 17 3.87 -2.52 -1.55
C LEU B 17 5.27 -2.30 -0.98
N LEU B 18 6.10 -3.33 -1.06
CA LEU B 18 7.47 -3.24 -0.56
C LEU B 18 8.21 -2.07 -1.19
N ILE B 19 7.86 -1.75 -2.43
CA ILE B 19 8.48 -0.65 -3.14
C ILE B 19 8.15 0.69 -2.49
N PHE B 20 6.85 0.97 -2.36
CA PHE B 20 6.40 2.22 -1.75
C PHE B 20 6.84 2.30 -0.29
N ILE B 21 6.78 1.17 0.40
CA ILE B 21 7.17 1.11 1.80
C ILE B 21 8.65 1.42 1.98
N PHE B 22 9.49 0.71 1.23
CA PHE B 22 10.94 0.91 1.30
C PHE B 22 11.32 2.29 0.78
N ILE B 23 10.87 2.60 -0.44
CA ILE B 23 11.17 3.89 -1.05
C ILE B 23 10.95 5.04 -0.06
N VAL B 24 9.84 4.97 0.67
CA VAL B 24 9.51 6.00 1.65
C VAL B 24 10.54 6.03 2.78
N LEU B 25 10.74 4.88 3.42
CA LEU B 25 11.70 4.78 4.51
C LEU B 25 13.08 5.25 4.07
N LEU B 26 13.50 4.83 2.88
CA LEU B 26 14.79 5.22 2.35
C LEU B 26 14.96 6.72 2.35
N ILE B 27 14.04 7.43 1.70
CA ILE B 27 14.09 8.88 1.63
C ILE B 27 14.05 9.49 3.03
N HIS B 28 13.07 9.09 3.83
CA HIS B 28 12.92 9.59 5.19
C HIS B 28 14.26 9.54 5.92
N PHE B 29 15.08 8.55 5.60
CA PHE B 29 16.38 8.40 6.23
C PHE B 29 17.48 9.02 5.38
N GLU B 30 17.22 9.16 4.09
CA GLU B 30 18.19 9.74 3.16
C GLU B 30 18.34 11.24 3.41
N GLY B 31 17.55 11.77 4.34
CA GLY B 31 17.62 13.18 4.66
C GLY B 31 16.26 13.85 4.57
N TRP B 32 15.24 13.21 5.15
CA TRP B 32 13.89 13.75 5.13
C TRP B 32 13.30 13.79 6.54
N ARG B 33 14.16 13.69 7.54
CA ARG B 33 13.72 13.70 8.93
C ARG B 33 14.05 15.04 9.59
N ILE B 34 13.94 16.11 8.82
CA ILE B 34 14.22 17.45 9.33
C ILE B 34 13.24 17.83 10.44
N MET C 1 -0.90 -14.31 -23.01
CA MET C 1 -1.33 -13.51 -24.15
C MET C 1 -2.71 -12.91 -23.90
N ASP C 2 -3.00 -12.63 -22.64
CA ASP C 2 -4.29 -12.04 -22.27
C ASP C 2 -4.19 -11.29 -20.95
N SER C 3 -4.44 -9.99 -20.99
CA SER C 3 -4.37 -9.16 -19.80
C SER C 3 -5.69 -8.40 -19.59
N ALA C 4 -6.80 -9.06 -19.90
CA ALA C 4 -8.11 -8.46 -19.74
C ALA C 4 -8.48 -8.34 -18.27
N PRO C 5 -8.55 -9.49 -17.58
CA PRO C 5 -8.89 -9.53 -16.16
C PRO C 5 -7.80 -8.94 -15.28
N PHE C 6 -6.55 -9.19 -15.65
CA PHE C 6 -5.40 -8.68 -14.89
C PHE C 6 -5.39 -7.16 -14.88
N GLU C 7 -5.83 -6.56 -15.99
CA GLU C 7 -5.87 -5.11 -16.11
C GLU C 7 -6.75 -4.49 -15.01
N LEU C 8 -8.01 -4.92 -14.98
CA LEU C 8 -8.96 -4.41 -14.00
C LEU C 8 -8.40 -4.55 -12.59
N PHE C 9 -7.88 -5.74 -12.29
CA PHE C 9 -7.31 -6.00 -10.97
C PHE C 9 -6.31 -4.92 -10.58
N PHE C 10 -5.43 -4.57 -11.50
CA PHE C 10 -4.42 -3.55 -11.26
C PHE C 10 -5.05 -2.16 -11.23
N MET C 11 -6.17 -2.01 -11.92
CA MET C 11 -6.87 -0.73 -11.97
C MET C 11 -7.52 -0.41 -10.63
N ILE C 12 -7.92 -1.45 -9.91
CA ILE C 12 -8.54 -1.28 -8.61
C ILE C 12 -7.51 -1.11 -7.50
N ASN C 13 -6.60 -2.08 -7.41
CA ASN C 13 -5.54 -2.05 -6.40
C ASN C 13 -4.78 -0.73 -6.46
N THR C 14 -4.38 -0.33 -7.66
CA THR C 14 -3.63 0.91 -7.86
C THR C 14 -4.39 2.09 -7.26
N SER C 15 -5.71 1.98 -7.19
CA SER C 15 -6.54 3.04 -6.64
C SER C 15 -6.25 3.26 -5.16
N ILE C 16 -6.53 2.24 -4.36
CA ILE C 16 -6.30 2.32 -2.92
C ILE C 16 -4.85 2.69 -2.61
N LEU C 17 -3.92 2.12 -3.38
CA LEU C 17 -2.50 2.40 -3.20
C LEU C 17 -2.19 3.86 -3.55
N LEU C 18 -2.54 4.26 -4.76
CA LEU C 18 -2.29 5.62 -5.21
C LEU C 18 -2.90 6.63 -4.26
N ILE C 19 -4.01 6.25 -3.63
CA ILE C 19 -4.69 7.13 -2.69
C ILE C 19 -3.83 7.38 -1.45
N PHE C 20 -3.44 6.30 -0.78
CA PHE C 20 -2.62 6.40 0.41
C PHE C 20 -1.26 7.02 0.09
N ILE C 21 -0.71 6.65 -1.06
CA ILE C 21 0.59 7.17 -1.48
C ILE C 21 0.52 8.69 -1.71
N PHE C 22 -0.45 9.11 -2.51
CA PHE C 22 -0.63 10.53 -2.82
C PHE C 22 -1.03 11.31 -1.56
N ILE C 23 -2.10 10.85 -0.92
CA ILE C 23 -2.59 11.50 0.29
C ILE C 23 -1.45 11.82 1.25
N VAL C 24 -0.54 10.87 1.43
CA VAL C 24 0.60 11.05 2.32
C VAL C 24 1.51 12.17 1.81
N LEU C 25 1.95 12.04 0.56
CA LEU C 25 2.83 13.03 -0.05
C LEU C 25 2.20 14.42 0.02
N LEU C 26 0.92 14.49 -0.30
CA LEU C 26 0.20 15.76 -0.28
C LEU C 26 0.36 16.46 1.06
N ILE C 27 -0.01 15.76 2.13
CA ILE C 27 0.10 16.32 3.48
C ILE C 27 1.54 16.68 3.81
N HIS C 28 2.45 15.74 3.61
CA HIS C 28 3.86 15.97 3.88
C HIS C 28 4.33 17.28 3.26
N PHE C 29 3.73 17.64 2.13
CA PHE C 29 4.09 18.87 1.44
C PHE C 29 3.14 20.00 1.81
N GLU C 30 1.94 19.64 2.26
CA GLU C 30 0.94 20.63 2.65
C GLU C 30 1.33 21.31 3.96
N GLY C 31 2.46 20.88 4.53
CA GLY C 31 2.92 21.46 5.78
C GLY C 31 3.17 20.42 6.84
N TRP C 32 3.81 19.31 6.46
CA TRP C 32 4.11 18.24 7.39
C TRP C 32 5.57 17.82 7.29
N ARG C 33 6.39 18.68 6.70
CA ARG C 33 7.81 18.39 6.52
C ARG C 33 8.65 19.19 7.52
N ILE C 34 8.13 19.35 8.74
CA ILE C 34 8.83 20.08 9.78
C ILE C 34 10.18 19.45 10.08
N MET A 1 -26.25 -8.80 -9.47
CA MET A 1 -25.29 -8.17 -8.57
C MET A 1 -24.91 -9.12 -7.44
N ASP A 2 -23.63 -9.51 -7.39
CA ASP A 2 -23.15 -10.40 -6.35
C ASP A 2 -21.71 -10.06 -5.97
N SER A 3 -21.52 -9.62 -4.72
CA SER A 3 -20.21 -9.25 -4.24
C SER A 3 -19.80 -10.12 -3.05
N ALA A 4 -20.14 -11.40 -3.13
CA ALA A 4 -19.81 -12.34 -2.06
C ALA A 4 -18.31 -12.61 -2.00
N PRO A 5 -17.76 -13.14 -3.10
CA PRO A 5 -16.33 -13.46 -3.20
C PRO A 5 -15.46 -12.21 -3.25
N PHE A 6 -16.00 -11.14 -3.85
CA PHE A 6 -15.28 -9.89 -3.96
C PHE A 6 -15.11 -9.23 -2.61
N GLU A 7 -16.11 -9.38 -1.74
CA GLU A 7 -16.09 -8.80 -0.41
C GLU A 7 -14.88 -9.30 0.37
N LEU A 8 -14.71 -10.62 0.40
CA LEU A 8 -13.60 -11.24 1.12
C LEU A 8 -12.26 -10.71 0.60
N PHE A 9 -12.10 -10.70 -0.71
CA PHE A 9 -10.87 -10.22 -1.33
C PHE A 9 -10.51 -8.83 -0.82
N PHE A 10 -11.52 -7.98 -0.70
CA PHE A 10 -11.32 -6.61 -0.22
C PHE A 10 -11.13 -6.58 1.30
N MET A 11 -11.70 -7.57 1.97
CA MET A 11 -11.59 -7.66 3.43
C MET A 11 -10.18 -8.10 3.84
N ILE A 12 -9.52 -8.87 2.97
CA ILE A 12 -8.18 -9.35 3.25
C ILE A 12 -7.14 -8.30 2.87
N ASN A 13 -7.30 -7.72 1.68
CA ASN A 13 -6.37 -6.71 1.19
C ASN A 13 -6.35 -5.50 2.13
N THR A 14 -7.53 -4.92 2.36
CA THR A 14 -7.64 -3.76 3.23
C THR A 14 -6.96 -4.01 4.58
N SER A 15 -7.05 -5.24 5.06
CA SER A 15 -6.45 -5.61 6.34
C SER A 15 -4.93 -5.48 6.28
N ILE A 16 -4.31 -6.31 5.43
CA ILE A 16 -2.87 -6.30 5.27
C ILE A 16 -2.35 -4.89 4.99
N LEU A 17 -3.10 -4.14 4.19
CA LEU A 17 -2.73 -2.78 3.83
C LEU A 17 -2.83 -1.86 5.05
N LEU A 18 -4.02 -1.77 5.63
CA LEU A 18 -4.26 -0.93 6.80
C LEU A 18 -3.23 -1.22 7.89
N ILE A 19 -2.77 -2.47 7.93
CA ILE A 19 -1.78 -2.87 8.93
C ILE A 19 -0.43 -2.20 8.67
N PHE A 20 0.14 -2.48 7.50
CA PHE A 20 1.42 -1.90 7.12
C PHE A 20 1.34 -0.38 7.07
N ILE A 21 0.19 0.13 6.66
CA ILE A 21 -0.01 1.57 6.56
C ILE A 21 -0.02 2.22 7.93
N PHE A 22 -0.88 1.73 8.81
CA PHE A 22 -0.98 2.27 10.17
C PHE A 22 0.31 2.01 10.95
N ILE A 23 0.71 0.73 11.01
CA ILE A 23 1.91 0.35 11.73
C ILE A 23 3.07 1.28 11.39
N VAL A 24 3.40 1.37 10.10
CA VAL A 24 4.48 2.23 9.64
C VAL A 24 4.32 3.65 10.18
N LEU A 25 3.13 4.20 10.02
CA LEU A 25 2.85 5.55 10.48
C LEU A 25 2.98 5.66 12.00
N LEU A 26 2.59 4.58 12.69
CA LEU A 26 2.67 4.56 14.15
C LEU A 26 4.11 4.74 14.62
N ILE A 27 5.03 4.01 14.01
CA ILE A 27 6.44 4.10 14.36
C ILE A 27 7.01 5.46 13.97
N HIS A 28 6.79 5.87 12.73
CA HIS A 28 7.27 7.14 12.25
C HIS A 28 6.90 8.28 13.20
N PHE A 29 5.74 8.14 13.84
CA PHE A 29 5.27 9.16 14.79
C PHE A 29 5.61 8.75 16.22
N GLU A 30 5.85 7.46 16.43
CA GLU A 30 6.17 6.94 17.75
C GLU A 30 7.56 7.39 18.19
N GLY A 31 8.25 8.09 17.30
CA GLY A 31 9.59 8.57 17.60
C GLY A 31 10.61 8.13 16.57
N TRP A 32 10.30 8.36 15.30
CA TRP A 32 11.20 7.98 14.21
C TRP A 32 11.58 9.20 13.37
N ARG A 33 11.42 10.39 13.95
CA ARG A 33 11.74 11.63 13.25
C ARG A 33 13.12 12.13 13.67
N ILE A 34 14.04 11.21 13.91
CA ILE A 34 15.40 11.57 14.30
C ILE A 34 16.21 12.10 13.12
N MET B 1 -3.60 -28.55 1.48
CA MET B 1 -2.92 -27.28 1.73
C MET B 1 -2.02 -26.90 0.56
N ASP B 2 -2.35 -25.81 -0.10
CA ASP B 2 -1.56 -25.35 -1.24
C ASP B 2 -1.57 -23.81 -1.32
N SER B 3 -0.41 -23.20 -1.13
CA SER B 3 -0.29 -21.75 -1.19
C SER B 3 0.57 -21.32 -2.36
N ALA B 4 0.41 -22.00 -3.49
CA ALA B 4 1.18 -21.69 -4.69
C ALA B 4 0.75 -20.35 -5.28
N PRO B 5 -0.54 -20.26 -5.65
CA PRO B 5 -1.11 -19.04 -6.24
C PRO B 5 -1.23 -17.91 -5.23
N PHE B 6 -1.48 -18.27 -3.97
CA PHE B 6 -1.61 -17.28 -2.91
C PHE B 6 -0.28 -16.60 -2.62
N GLU B 7 0.80 -17.37 -2.75
CA GLU B 7 2.14 -16.84 -2.50
C GLU B 7 2.44 -15.65 -3.41
N LEU B 8 2.19 -15.82 -4.70
CA LEU B 8 2.42 -14.77 -5.67
C LEU B 8 1.65 -13.51 -5.31
N PHE B 9 0.36 -13.68 -5.04
CA PHE B 9 -0.50 -12.55 -4.68
C PHE B 9 0.12 -11.74 -3.53
N PHE B 10 0.65 -12.45 -2.54
CA PHE B 10 1.26 -11.79 -1.38
C PHE B 10 2.63 -11.23 -1.75
N MET B 11 3.27 -11.84 -2.75
CA MET B 11 4.59 -11.39 -3.19
C MET B 11 4.49 -10.09 -3.97
N ILE B 12 3.35 -9.88 -4.63
CA ILE B 12 3.13 -8.67 -5.40
C ILE B 12 2.69 -7.52 -4.50
N ASN B 13 1.73 -7.79 -3.63
CA ASN B 13 1.22 -6.77 -2.71
C ASN B 13 2.33 -6.23 -1.82
N THR B 14 3.02 -7.13 -1.13
CA THR B 14 4.12 -6.75 -0.24
C THR B 14 5.14 -5.87 -0.98
N SER B 15 5.38 -6.20 -2.24
CA SER B 15 6.34 -5.44 -3.05
C SER B 15 5.90 -3.99 -3.18
N ILE B 16 4.75 -3.78 -3.79
CA ILE B 16 4.22 -2.43 -3.98
C ILE B 16 4.21 -1.65 -2.67
N LEU B 17 3.66 -2.26 -1.63
CA LEU B 17 3.59 -1.62 -0.33
C LEU B 17 4.99 -1.30 0.20
N LEU B 18 5.85 -2.31 0.20
CA LEU B 18 7.23 -2.13 0.68
C LEU B 18 7.93 -1.02 -0.11
N ILE B 19 7.59 -0.89 -1.38
CA ILE B 19 8.19 0.12 -2.23
C ILE B 19 7.83 1.53 -1.75
N PHE B 20 6.53 1.83 -1.73
CA PHE B 20 6.07 3.13 -1.28
C PHE B 20 6.43 3.38 0.18
N ILE B 21 6.29 2.34 0.99
CA ILE B 21 6.60 2.43 2.41
C ILE B 21 8.09 2.71 2.64
N PHE B 22 8.94 1.87 2.06
CA PHE B 22 10.38 2.03 2.20
C PHE B 22 10.84 3.34 1.55
N ILE B 23 10.46 3.54 0.29
CA ILE B 23 10.83 4.74 -0.44
C ILE B 23 10.60 5.99 0.41
N VAL B 24 9.45 6.05 1.06
CA VAL B 24 9.11 7.18 1.91
C VAL B 24 10.09 7.32 3.07
N LEU B 25 10.28 6.24 3.81
CA LEU B 25 11.19 6.24 4.95
C LEU B 25 12.61 6.58 4.50
N LEU B 26 12.99 6.09 3.32
CA LEU B 26 14.32 6.35 2.78
C LEU B 26 14.57 7.85 2.63
N ILE B 27 13.61 8.55 2.02
CA ILE B 27 13.73 9.98 1.82
C ILE B 27 13.67 10.74 3.15
N HIS B 28 12.65 10.43 3.95
CA HIS B 28 12.48 11.08 5.24
C HIS B 28 13.78 11.03 6.04
N PHE B 29 14.55 9.97 5.86
CA PHE B 29 15.81 9.80 6.57
C PHE B 29 16.99 10.24 5.69
N GLU B 30 16.76 10.26 4.38
CA GLU B 30 17.80 10.66 3.44
C GLU B 30 18.08 12.16 3.54
N GLY B 31 17.33 12.84 4.39
CA GLY B 31 17.51 14.27 4.56
C GLY B 31 16.21 15.05 4.35
N TRP B 32 15.15 14.61 4.99
CA TRP B 32 13.85 15.27 4.87
C TRP B 32 13.32 15.69 6.23
N ARG B 33 14.22 15.80 7.20
CA ARG B 33 13.84 16.20 8.56
C ARG B 33 14.19 17.65 8.81
N ILE B 34 14.01 18.48 7.78
CA ILE B 34 14.31 19.90 7.90
C ILE B 34 13.32 20.59 8.84
N MET C 1 -2.21 -12.20 -28.02
CA MET C 1 -2.33 -11.09 -27.09
C MET C 1 -3.58 -11.25 -26.23
N ASP C 2 -3.37 -11.35 -24.92
CA ASP C 2 -4.48 -11.50 -23.98
C ASP C 2 -4.17 -10.81 -22.65
N SER C 3 -4.87 -9.70 -22.40
CA SER C 3 -4.67 -8.94 -21.17
C SER C 3 -6.00 -8.52 -20.57
N ALA C 4 -6.98 -9.42 -20.59
CA ALA C 4 -8.30 -9.14 -20.05
C ALA C 4 -8.26 -9.06 -18.53
N PRO C 5 -7.86 -10.17 -17.89
CA PRO C 5 -7.77 -10.25 -16.43
C PRO C 5 -6.64 -9.39 -15.87
N PHE C 6 -5.55 -9.29 -16.63
CA PHE C 6 -4.40 -8.50 -16.21
C PHE C 6 -4.72 -7.01 -16.20
N GLU C 7 -5.59 -6.60 -17.11
CA GLU C 7 -6.00 -5.20 -17.20
C GLU C 7 -6.70 -4.74 -15.93
N LEU C 8 -7.74 -5.48 -15.55
CA LEU C 8 -8.50 -5.16 -14.34
C LEU C 8 -7.60 -5.14 -13.12
N PHE C 9 -6.81 -6.20 -12.94
CA PHE C 9 -5.90 -6.30 -11.81
C PHE C 9 -5.02 -5.06 -11.70
N PHE C 10 -4.58 -4.55 -12.85
CA PHE C 10 -3.73 -3.36 -12.88
C PHE C 10 -4.57 -2.09 -12.72
N MET C 11 -5.83 -2.16 -13.11
CA MET C 11 -6.73 -1.02 -13.00
C MET C 11 -7.17 -0.81 -11.56
N ILE C 12 -7.24 -1.90 -10.80
CA ILE C 12 -7.63 -1.83 -9.40
C ILE C 12 -6.45 -1.48 -8.50
N ASN C 13 -5.32 -2.12 -8.76
CA ASN C 13 -4.11 -1.88 -7.97
C ASN C 13 -3.68 -0.42 -8.08
N THR C 14 -3.53 0.07 -9.31
CA THR C 14 -3.13 1.45 -9.54
C THR C 14 -3.97 2.42 -8.70
N SER C 15 -5.27 2.16 -8.65
CA SER C 15 -6.18 3.02 -7.89
C SER C 15 -5.81 3.03 -6.42
N ILE C 16 -5.90 1.86 -5.78
CA ILE C 16 -5.56 1.74 -4.36
C ILE C 16 -4.17 2.32 -4.07
N LEU C 17 -3.26 2.14 -5.02
CA LEU C 17 -1.90 2.64 -4.87
C LEU C 17 -1.87 4.16 -4.88
N LEU C 18 -2.34 4.74 -5.98
CA LEU C 18 -2.38 6.20 -6.12
C LEU C 18 -3.10 6.84 -4.94
N ILE C 19 -4.09 6.14 -4.41
CA ILE C 19 -4.87 6.64 -3.28
C ILE C 19 -3.98 6.80 -2.04
N PHE C 20 -3.41 5.69 -1.58
CA PHE C 20 -2.55 5.71 -0.41
C PHE C 20 -1.33 6.61 -0.64
N ILE C 21 -0.78 6.55 -1.85
CA ILE C 21 0.39 7.34 -2.20
C ILE C 21 0.06 8.83 -2.19
N PHE C 22 -0.94 9.20 -2.99
CA PHE C 22 -1.36 10.60 -3.08
C PHE C 22 -1.84 11.11 -1.72
N ILE C 23 -2.76 10.38 -1.11
CA ILE C 23 -3.29 10.76 0.19
C ILE C 23 -2.18 11.14 1.16
N VAL C 24 -1.15 10.29 1.23
CA VAL C 24 -0.02 10.55 2.11
C VAL C 24 0.65 11.87 1.77
N LEU C 25 0.98 12.06 0.50
CA LEU C 25 1.62 13.29 0.06
C LEU C 25 0.73 14.50 0.30
N LEU C 26 -0.57 14.31 0.13
CA LEU C 26 -1.53 15.38 0.33
C LEU C 26 -1.45 15.94 1.76
N ILE C 27 -1.42 15.03 2.73
CA ILE C 27 -1.32 15.43 4.14
C ILE C 27 0.02 16.06 4.44
N HIS C 28 1.10 15.36 4.08
CA HIS C 28 2.45 15.86 4.32
C HIS C 28 2.59 17.30 3.83
N PHE C 29 1.87 17.64 2.77
CA PHE C 29 1.91 18.98 2.21
C PHE C 29 0.77 19.83 2.74
N GLU C 30 -0.30 19.17 3.20
CA GLU C 30 -1.45 19.87 3.74
C GLU C 30 -1.14 20.47 5.10
N GLY C 31 0.08 20.25 5.58
CA GLY C 31 0.48 20.78 6.87
C GLY C 31 1.01 19.70 7.79
N TRP C 32 1.89 18.85 7.27
CA TRP C 32 2.48 17.77 8.05
C TRP C 32 3.99 17.69 7.82
N ARG C 33 4.57 18.77 7.33
CA ARG C 33 6.00 18.83 7.06
C ARG C 33 6.74 19.56 8.18
N ILE C 34 6.32 19.32 9.42
CA ILE C 34 6.93 19.95 10.58
C ILE C 34 8.39 19.51 10.73
N MET A 1 -24.93 -11.13 -10.35
CA MET A 1 -24.51 -10.13 -9.38
C MET A 1 -24.24 -10.78 -8.02
N ASP A 2 -22.95 -10.99 -7.72
CA ASP A 2 -22.55 -11.61 -6.46
C ASP A 2 -21.14 -11.18 -6.08
N SER A 3 -21.02 -10.49 -4.94
CA SER A 3 -19.72 -10.03 -4.47
C SER A 3 -19.21 -10.90 -3.34
N ALA A 4 -19.46 -12.20 -3.45
CA ALA A 4 -19.03 -13.15 -2.43
C ALA A 4 -17.51 -13.33 -2.45
N PRO A 5 -16.97 -13.78 -3.59
CA PRO A 5 -15.54 -13.99 -3.77
C PRO A 5 -14.76 -12.67 -3.80
N PHE A 6 -15.43 -11.61 -4.25
CA PHE A 6 -14.79 -10.29 -4.33
C PHE A 6 -14.60 -9.69 -2.95
N GLU A 7 -15.58 -9.91 -2.06
CA GLU A 7 -15.51 -9.39 -0.71
C GLU A 7 -14.23 -9.85 -0.01
N LEU A 8 -13.93 -11.13 -0.12
CA LEU A 8 -12.73 -11.70 0.49
C LEU A 8 -11.48 -11.03 -0.05
N PHE A 9 -11.37 -10.95 -1.36
CA PHE A 9 -10.21 -10.32 -2.00
C PHE A 9 -9.95 -8.94 -1.42
N PHE A 10 -11.04 -8.19 -1.19
CA PHE A 10 -10.93 -6.84 -0.63
C PHE A 10 -10.67 -6.89 0.87
N MET A 11 -11.11 -7.96 1.51
CA MET A 11 -10.94 -8.14 2.95
C MET A 11 -9.51 -8.54 3.27
N ILE A 12 -8.86 -9.22 2.33
CA ILE A 12 -7.48 -9.67 2.52
C ILE A 12 -6.49 -8.57 2.17
N ASN A 13 -6.54 -8.11 0.92
CA ASN A 13 -5.66 -7.05 0.44
C ASN A 13 -5.69 -5.85 1.39
N THR A 14 -6.89 -5.32 1.61
CA THR A 14 -7.05 -4.18 2.49
C THR A 14 -6.40 -4.41 3.85
N SER A 15 -6.41 -5.67 4.29
CA SER A 15 -5.81 -6.04 5.57
C SER A 15 -4.30 -5.82 5.55
N ILE A 16 -3.61 -6.57 4.70
CA ILE A 16 -2.16 -6.46 4.57
C ILE A 16 -1.74 -5.02 4.34
N LEU A 17 -2.51 -4.29 3.54
CA LEU A 17 -2.22 -2.89 3.24
C LEU A 17 -2.42 -2.01 4.47
N LEU A 18 -3.63 -2.06 5.02
CA LEU A 18 -3.95 -1.28 6.21
C LEU A 18 -2.97 -1.57 7.35
N ILE A 19 -2.56 -2.82 7.44
CA ILE A 19 -1.61 -3.24 8.48
C ILE A 19 -0.28 -2.50 8.35
N PHE A 20 0.34 -2.63 7.18
CA PHE A 20 1.62 -1.97 6.93
C PHE A 20 1.47 -0.46 6.97
N ILE A 21 0.38 0.04 6.39
CA ILE A 21 0.13 1.48 6.36
C ILE A 21 0.04 2.05 7.78
N PHE A 22 -0.80 1.44 8.61
CA PHE A 22 -0.97 1.88 9.98
C PHE A 22 0.29 1.61 10.81
N ILE A 23 0.80 0.39 10.70
CA ILE A 23 2.00 0.00 11.43
C ILE A 23 3.12 1.03 11.25
N VAL A 24 3.34 1.44 10.00
CA VAL A 24 4.37 2.42 9.69
C VAL A 24 4.07 3.76 10.35
N LEU A 25 2.86 4.27 10.12
CA LEU A 25 2.45 5.55 10.69
C LEU A 25 2.53 5.51 12.21
N LEU A 26 2.15 4.38 12.80
CA LEU A 26 2.19 4.21 14.25
C LEU A 26 3.60 4.44 14.79
N ILE A 27 4.58 3.78 14.16
CA ILE A 27 5.97 3.92 14.58
C ILE A 27 6.48 5.33 14.33
N HIS A 28 6.30 5.80 13.10
CA HIS A 28 6.75 7.14 12.73
C HIS A 28 6.29 8.18 13.76
N PHE A 29 5.12 7.94 14.35
CA PHE A 29 4.57 8.85 15.34
C PHE A 29 4.88 8.36 16.76
N GLU A 30 5.17 7.07 16.88
CA GLU A 30 5.48 6.47 18.17
C GLU A 30 6.86 6.93 18.67
N GLY A 31 7.53 7.73 17.85
CA GLY A 31 8.85 8.22 18.22
C GLY A 31 9.89 7.90 17.18
N TRP A 32 9.59 8.18 15.91
CA TRP A 32 10.52 7.92 14.83
C TRP A 32 10.76 9.18 13.99
N ARG A 33 10.45 10.34 14.58
CA ARG A 33 10.64 11.61 13.90
C ARG A 33 11.71 12.45 14.60
N ILE A 34 12.79 11.79 14.99
CA ILE A 34 13.90 12.47 15.66
C ILE A 34 14.73 13.27 14.67
N MET B 1 -5.31 -27.94 -1.29
CA MET B 1 -4.33 -27.09 -0.63
C MET B 1 -3.18 -26.75 -1.57
N ASP B 2 -3.22 -25.55 -2.13
CA ASP B 2 -2.18 -25.09 -3.05
C ASP B 2 -2.08 -23.57 -3.06
N SER B 3 -0.91 -23.06 -2.65
CA SER B 3 -0.70 -21.62 -2.60
C SER B 3 0.13 -21.16 -3.80
N ALA B 4 -0.12 -21.78 -4.95
CA ALA B 4 0.60 -21.43 -6.17
C ALA B 4 0.20 -20.04 -6.66
N PRO B 5 -1.09 -19.85 -6.96
CA PRO B 5 -1.62 -18.58 -7.44
C PRO B 5 -1.62 -17.51 -6.36
N PHE B 6 -1.73 -17.93 -5.11
CA PHE B 6 -1.75 -17.00 -3.98
C PHE B 6 -0.36 -16.41 -3.76
N GLU B 7 0.67 -17.23 -3.93
CA GLU B 7 2.05 -16.78 -3.75
C GLU B 7 2.35 -15.57 -4.61
N LEU B 8 1.96 -15.64 -5.89
CA LEU B 8 2.19 -14.55 -6.83
C LEU B 8 1.49 -13.27 -6.35
N PHE B 9 0.21 -13.41 -6.00
CA PHE B 9 -0.57 -12.27 -5.53
C PHE B 9 0.15 -11.55 -4.39
N PHE B 10 0.75 -12.32 -3.50
CA PHE B 10 1.47 -11.75 -2.36
C PHE B 10 2.85 -11.25 -2.79
N MET B 11 3.38 -11.84 -3.85
CA MET B 11 4.69 -11.44 -4.36
C MET B 11 4.60 -10.14 -5.15
N ILE B 12 3.45 -9.90 -5.75
CA ILE B 12 3.24 -8.68 -6.53
C ILE B 12 2.84 -7.51 -5.63
N ASN B 13 1.73 -7.67 -4.91
CA ASN B 13 1.25 -6.63 -4.02
C ASN B 13 2.35 -6.18 -3.06
N THR B 14 2.92 -7.13 -2.33
CA THR B 14 3.98 -6.83 -1.38
C THR B 14 5.10 -6.02 -2.05
N SER B 15 5.29 -6.24 -3.34
CA SER B 15 6.33 -5.55 -4.09
C SER B 15 6.04 -4.06 -4.16
N ILE B 16 4.94 -3.70 -4.83
CA ILE B 16 4.55 -2.30 -4.97
C ILE B 16 4.44 -1.63 -3.60
N LEU B 17 3.88 -2.34 -2.63
CA LEU B 17 3.72 -1.81 -1.28
C LEU B 17 5.07 -1.56 -0.63
N LEU B 18 5.91 -2.59 -0.59
CA LEU B 18 7.23 -2.48 0.01
C LEU B 18 8.04 -1.38 -0.65
N ILE B 19 7.81 -1.18 -1.95
CA ILE B 19 8.52 -0.15 -2.70
C ILE B 19 8.19 1.24 -2.16
N PHE B 20 6.90 1.57 -2.12
CA PHE B 20 6.45 2.86 -1.64
C PHE B 20 6.79 3.04 -0.16
N ILE B 21 6.49 2.00 0.64
CA ILE B 21 6.78 2.04 2.06
C ILE B 21 8.24 2.38 2.33
N PHE B 22 9.14 1.64 1.69
CA PHE B 22 10.57 1.86 1.86
C PHE B 22 10.99 3.19 1.23
N ILE B 23 10.59 3.40 -0.02
CA ILE B 23 10.92 4.63 -0.73
C ILE B 23 10.59 5.86 0.11
N VAL B 24 9.45 5.83 0.78
CA VAL B 24 9.02 6.93 1.63
C VAL B 24 9.95 7.10 2.82
N LEU B 25 10.15 6.02 3.56
CA LEU B 25 11.02 6.05 4.74
C LEU B 25 12.43 6.47 4.36
N LEU B 26 12.91 5.96 3.23
CA LEU B 26 14.26 6.28 2.75
C LEU B 26 14.42 7.79 2.57
N ILE B 27 13.46 8.41 1.89
CA ILE B 27 13.51 9.85 1.66
C ILE B 27 13.34 10.62 2.96
N HIS B 28 12.33 10.25 3.74
CA HIS B 28 12.06 10.91 5.02
C HIS B 28 13.33 10.96 5.88
N PHE B 29 14.18 9.95 5.74
CA PHE B 29 15.42 9.88 6.50
C PHE B 29 16.60 10.35 5.65
N GLU B 30 16.42 10.34 4.33
CA GLU B 30 17.47 10.77 3.42
C GLU B 30 17.69 12.27 3.50
N GLY B 31 16.87 12.94 4.31
CA GLY B 31 16.99 14.38 4.47
C GLY B 31 15.70 15.11 4.18
N TRP B 32 14.61 14.65 4.80
CA TRP B 32 13.31 15.26 4.60
C TRP B 32 12.82 15.92 5.89
N ARG B 33 13.74 16.22 6.79
CA ARG B 33 13.40 16.83 8.06
C ARG B 33 14.06 18.21 8.19
N ILE B 34 14.05 18.96 7.10
CA ILE B 34 14.65 20.29 7.09
C ILE B 34 13.78 21.29 7.86
N MET C 1 -3.25 -15.57 -24.07
CA MET C 1 -2.88 -14.21 -23.74
C MET C 1 -4.10 -13.33 -23.53
N ASP C 2 -4.46 -13.10 -22.26
CA ASP C 2 -5.61 -12.28 -21.93
C ASP C 2 -5.44 -11.63 -20.57
N SER C 3 -5.39 -10.30 -20.55
CA SER C 3 -5.22 -9.56 -19.30
C SER C 3 -6.55 -8.94 -18.85
N ALA C 4 -7.63 -9.69 -19.05
CA ALA C 4 -8.95 -9.22 -18.66
C ALA C 4 -9.10 -9.19 -17.14
N PRO C 5 -8.96 -10.36 -16.51
CA PRO C 5 -9.07 -10.50 -15.06
C PRO C 5 -7.91 -9.84 -14.32
N PHE C 6 -6.76 -9.80 -14.97
CA PHE C 6 -5.56 -9.19 -14.38
C PHE C 6 -5.69 -7.68 -14.32
N GLU C 7 -6.32 -7.10 -15.34
CA GLU C 7 -6.51 -5.65 -15.41
C GLU C 7 -7.25 -5.15 -14.17
N LEU C 8 -8.33 -5.82 -13.82
CA LEU C 8 -9.12 -5.45 -12.66
C LEU C 8 -8.28 -5.46 -11.39
N PHE C 9 -7.58 -6.57 -11.16
CA PHE C 9 -6.73 -6.71 -9.98
C PHE C 9 -5.78 -5.52 -9.85
N PHE C 10 -5.24 -5.08 -10.98
CA PHE C 10 -4.32 -3.95 -11.00
C PHE C 10 -5.07 -2.63 -10.87
N MET C 11 -6.33 -2.63 -11.29
CA MET C 11 -7.16 -1.43 -11.23
C MET C 11 -7.67 -1.20 -9.80
N ILE C 12 -7.83 -2.29 -9.05
CA ILE C 12 -8.30 -2.20 -7.68
C ILE C 12 -7.16 -1.91 -6.71
N ASN C 13 -6.18 -2.80 -6.67
CA ASN C 13 -5.03 -2.64 -5.79
C ASN C 13 -4.40 -1.26 -5.96
N THR C 14 -4.02 -0.95 -7.21
CA THR C 14 -3.40 0.35 -7.51
C THR C 14 -4.25 1.49 -6.97
N SER C 15 -5.56 1.28 -6.91
CA SER C 15 -6.47 2.30 -6.42
C SER C 15 -6.22 2.60 -4.95
N ILE C 16 -6.42 1.61 -4.10
CA ILE C 16 -6.21 1.77 -2.67
C ILE C 16 -4.81 2.31 -2.38
N LEU C 17 -3.82 1.79 -3.08
CA LEU C 17 -2.44 2.23 -2.90
C LEU C 17 -2.26 3.69 -3.33
N LEU C 18 -2.63 3.97 -4.57
CA LEU C 18 -2.52 5.34 -5.10
C LEU C 18 -3.22 6.33 -4.18
N ILE C 19 -4.31 5.90 -3.58
CA ILE C 19 -5.07 6.75 -2.67
C ILE C 19 -4.25 7.14 -1.46
N PHE C 20 -3.77 6.13 -0.73
CA PHE C 20 -2.97 6.37 0.47
C PHE C 20 -1.67 7.09 0.11
N ILE C 21 -1.04 6.66 -0.97
CA ILE C 21 0.21 7.25 -1.42
C ILE C 21 0.05 8.75 -1.68
N PHE C 22 -0.95 9.10 -2.49
CA PHE C 22 -1.22 10.50 -2.81
C PHE C 22 -1.72 11.25 -1.58
N ILE C 23 -2.71 10.68 -0.90
CA ILE C 23 -3.27 11.31 0.29
C ILE C 23 -2.17 11.72 1.27
N VAL C 24 -1.20 10.83 1.48
CA VAL C 24 -0.10 11.11 2.38
C VAL C 24 0.74 12.28 1.88
N LEU C 25 1.18 12.19 0.63
CA LEU C 25 1.99 13.24 0.03
C LEU C 25 1.25 14.57 0.04
N LEU C 26 -0.06 14.52 -0.20
CA LEU C 26 -0.89 15.72 -0.21
C LEU C 26 -0.80 16.46 1.12
N ILE C 27 -0.98 15.72 2.21
CA ILE C 27 -0.93 16.31 3.55
C ILE C 27 0.48 16.79 3.88
N HIS C 28 1.46 15.90 3.68
CA HIS C 28 2.86 16.25 3.96
C HIS C 28 3.23 17.57 3.30
N PHE C 29 2.63 17.85 2.15
CA PHE C 29 2.91 19.08 1.43
C PHE C 29 1.85 20.14 1.73
N GLU C 30 0.69 19.68 2.19
CA GLU C 30 -0.41 20.59 2.52
C GLU C 30 -0.10 21.38 3.79
N GLY C 31 1.05 21.10 4.39
CA GLY C 31 1.44 21.78 5.61
C GLY C 31 1.76 20.82 6.74
N TRP C 32 2.60 19.84 6.45
CA TRP C 32 2.99 18.84 7.46
C TRP C 32 4.50 18.68 7.50
N ARG C 33 5.22 19.69 7.01
CA ARG C 33 6.67 19.67 6.99
C ARG C 33 7.25 20.63 8.02
N ILE C 34 6.66 20.65 9.21
CA ILE C 34 7.12 21.53 10.28
C ILE C 34 8.47 21.08 10.82
N MET A 1 -25.49 -6.43 -9.15
CA MET A 1 -25.94 -6.68 -7.78
C MET A 1 -25.41 -8.02 -7.27
N ASP A 2 -24.13 -8.28 -7.53
CA ASP A 2 -23.51 -9.52 -7.10
C ASP A 2 -22.13 -9.26 -6.48
N SER A 3 -22.08 -8.33 -5.53
CA SER A 3 -20.85 -7.97 -4.86
C SER A 3 -20.60 -8.87 -3.65
N ALA A 4 -20.90 -10.16 -3.80
CA ALA A 4 -20.71 -11.12 -2.72
C ALA A 4 -19.24 -11.40 -2.48
N PRO A 5 -18.56 -11.93 -3.52
CA PRO A 5 -17.13 -12.26 -3.45
C PRO A 5 -16.25 -11.01 -3.37
N PHE A 6 -16.71 -9.93 -4.01
CA PHE A 6 -15.96 -8.68 -4.02
C PHE A 6 -15.93 -8.06 -2.63
N GLU A 7 -17.04 -8.17 -1.90
CA GLU A 7 -17.13 -7.61 -0.56
C GLU A 7 -16.01 -8.15 0.33
N LEU A 8 -15.87 -9.47 0.36
CA LEU A 8 -14.84 -10.11 1.16
C LEU A 8 -13.45 -9.62 0.77
N PHE A 9 -13.19 -9.57 -0.54
CA PHE A 9 -11.91 -9.11 -1.04
C PHE A 9 -11.54 -7.76 -0.45
N PHE A 10 -12.51 -6.85 -0.39
CA PHE A 10 -12.28 -5.52 0.15
C PHE A 10 -12.17 -5.56 1.68
N MET A 11 -12.80 -6.56 2.27
CA MET A 11 -12.78 -6.73 3.72
C MET A 11 -11.40 -7.14 4.20
N ILE A 12 -10.72 -7.96 3.41
CA ILE A 12 -9.39 -8.44 3.75
C ILE A 12 -8.32 -7.41 3.37
N ASN A 13 -8.46 -6.86 2.16
CA ASN A 13 -7.51 -5.87 1.68
C ASN A 13 -7.32 -4.74 2.69
N THR A 14 -8.44 -4.18 3.16
CA THR A 14 -8.40 -3.09 4.12
C THR A 14 -7.54 -3.46 5.33
N SER A 15 -7.48 -4.76 5.64
CA SER A 15 -6.69 -5.23 6.76
C SER A 15 -5.21 -4.97 6.53
N ILE A 16 -4.66 -5.61 5.50
CA ILE A 16 -3.25 -5.45 5.17
C ILE A 16 -2.89 -3.98 4.99
N LEU A 17 -3.80 -3.22 4.37
CA LEU A 17 -3.58 -1.80 4.14
C LEU A 17 -3.56 -1.02 5.45
N LEU A 18 -4.62 -1.17 6.24
CA LEU A 18 -4.73 -0.49 7.52
C LEU A 18 -3.53 -0.83 8.42
N ILE A 19 -3.06 -2.06 8.32
CA ILE A 19 -1.93 -2.51 9.12
C ILE A 19 -0.67 -1.71 8.79
N PHE A 20 -0.30 -1.71 7.52
CA PHE A 20 0.88 -0.98 7.06
C PHE A 20 0.71 0.53 7.29
N ILE A 21 -0.45 1.04 6.93
CA ILE A 21 -0.74 2.47 7.10
C ILE A 21 -0.61 2.88 8.56
N PHE A 22 -1.28 2.15 9.44
CA PHE A 22 -1.24 2.45 10.87
C PHE A 22 0.16 2.20 11.43
N ILE A 23 0.67 1.00 11.21
CA ILE A 23 1.99 0.63 11.70
C ILE A 23 3.02 1.72 11.39
N VAL A 24 3.05 2.16 10.13
CA VAL A 24 3.98 3.19 9.70
C VAL A 24 3.78 4.46 10.52
N LEU A 25 2.55 4.94 10.59
CA LEU A 25 2.23 6.15 11.33
C LEU A 25 2.62 6.00 12.81
N LEU A 26 2.33 4.84 13.37
CA LEU A 26 2.66 4.56 14.77
C LEU A 26 4.13 4.84 15.05
N ILE A 27 5.00 4.17 14.30
CA ILE A 27 6.43 4.34 14.47
C ILE A 27 6.84 5.81 14.30
N HIS A 28 6.40 6.41 13.20
CA HIS A 28 6.70 7.81 12.92
C HIS A 28 6.43 8.68 14.14
N PHE A 29 5.41 8.31 14.91
CA PHE A 29 5.03 9.06 16.11
C PHE A 29 5.62 8.42 17.36
N GLU A 30 6.00 7.15 17.24
CA GLU A 30 6.58 6.43 18.36
C GLU A 30 7.98 6.93 18.67
N GLY A 31 8.48 7.85 17.85
CA GLY A 31 9.80 8.41 18.06
C GLY A 31 10.66 8.30 16.81
N TRP A 32 10.10 8.67 15.66
CA TRP A 32 10.83 8.61 14.40
C TRP A 32 10.89 9.99 13.75
N ARG A 33 10.63 11.02 14.54
CA ARG A 33 10.65 12.39 14.04
C ARG A 33 11.70 13.22 14.77
N ILE A 34 12.81 12.60 15.11
CA ILE A 34 13.89 13.28 15.82
C ILE A 34 14.54 14.34 14.93
N MET B 1 -3.79 -25.57 1.52
CA MET B 1 -3.08 -25.94 0.28
C MET B 1 -3.80 -25.37 -0.94
N ASP B 2 -4.25 -24.13 -0.82
CA ASP B 2 -4.95 -23.47 -1.93
C ASP B 2 -4.45 -22.04 -2.11
N SER B 3 -3.38 -21.70 -1.39
CA SER B 3 -2.80 -20.36 -1.47
C SER B 3 -1.67 -20.31 -2.49
N ALA B 4 -1.86 -21.02 -3.60
CA ALA B 4 -0.85 -21.06 -4.66
C ALA B 4 -0.76 -19.71 -5.38
N PRO B 5 -1.88 -19.29 -5.99
CA PRO B 5 -1.95 -18.02 -6.72
C PRO B 5 -1.88 -16.81 -5.79
N PHE B 6 -2.39 -16.97 -4.58
CA PHE B 6 -2.39 -15.89 -3.60
C PHE B 6 -0.97 -15.60 -3.12
N GLU B 7 -0.17 -16.66 -3.00
CA GLU B 7 1.22 -16.51 -2.56
C GLU B 7 2.00 -15.57 -3.47
N LEU B 8 1.94 -15.85 -4.77
CA LEU B 8 2.64 -15.03 -5.76
C LEU B 8 2.22 -13.56 -5.65
N PHE B 9 0.91 -13.34 -5.60
CA PHE B 9 0.38 -11.99 -5.49
C PHE B 9 1.02 -11.23 -4.35
N PHE B 10 1.12 -11.90 -3.19
CA PHE B 10 1.72 -11.29 -2.02
C PHE B 10 3.23 -11.17 -2.16
N MET B 11 3.81 -12.04 -2.98
CA MET B 11 5.25 -12.04 -3.22
C MET B 11 5.66 -10.86 -4.09
N ILE B 12 4.85 -10.56 -5.10
CA ILE B 12 5.13 -9.44 -5.99
C ILE B 12 4.61 -8.13 -5.42
N ASN B 13 3.35 -8.12 -5.03
CA ASN B 13 2.73 -6.93 -4.46
C ASN B 13 3.58 -6.37 -3.32
N THR B 14 3.80 -7.18 -2.30
CA THR B 14 4.58 -6.78 -1.15
C THR B 14 5.91 -6.16 -1.58
N SER B 15 6.43 -6.62 -2.71
CA SER B 15 7.70 -6.12 -3.23
C SER B 15 7.58 -4.65 -3.63
N ILE B 16 6.73 -4.39 -4.63
CA ILE B 16 6.52 -3.02 -5.10
C ILE B 16 6.02 -2.12 -3.97
N LEU B 17 5.20 -2.69 -3.09
CA LEU B 17 4.65 -1.94 -1.97
C LEU B 17 5.75 -1.57 -0.97
N LEU B 18 6.52 -2.58 -0.56
CA LEU B 18 7.60 -2.37 0.40
C LEU B 18 8.64 -1.40 -0.16
N ILE B 19 8.90 -1.50 -1.45
CA ILE B 19 9.87 -0.64 -2.12
C ILE B 19 9.44 0.82 -2.03
N PHE B 20 8.24 1.12 -2.51
CA PHE B 20 7.71 2.48 -2.49
C PHE B 20 7.50 2.95 -1.06
N ILE B 21 6.91 2.10 -0.23
CA ILE B 21 6.65 2.43 1.16
C ILE B 21 7.94 2.75 1.90
N PHE B 22 8.95 1.88 1.76
CA PHE B 22 10.23 2.08 2.40
C PHE B 22 10.98 3.27 1.79
N ILE B 23 11.12 3.24 0.47
CA ILE B 23 11.82 4.31 -0.24
C ILE B 23 11.33 5.69 0.21
N VAL B 24 10.01 5.87 0.18
CA VAL B 24 9.41 7.14 0.60
C VAL B 24 9.79 7.48 2.03
N LEU B 25 9.57 6.53 2.94
CA LEU B 25 9.89 6.73 4.35
C LEU B 25 11.35 7.11 4.53
N LEU B 26 12.23 6.41 3.82
CA LEU B 26 13.67 6.68 3.91
C LEU B 26 13.97 8.15 3.61
N ILE B 27 13.54 8.61 2.44
CA ILE B 27 13.77 9.99 2.04
C ILE B 27 13.13 10.95 3.03
N HIS B 28 11.87 10.73 3.35
CA HIS B 28 11.14 11.57 4.30
C HIS B 28 11.96 11.79 5.56
N PHE B 29 12.73 10.78 5.94
CA PHE B 29 13.56 10.86 7.15
C PHE B 29 14.99 11.23 6.79
N GLU B 30 15.36 11.00 5.53
CA GLU B 30 16.70 11.31 5.06
C GLU B 30 16.93 12.82 5.00
N GLY B 31 15.88 13.58 5.28
CA GLY B 31 15.98 15.03 5.25
C GLY B 31 14.93 15.66 4.36
N TRP B 32 13.69 15.23 4.51
CA TRP B 32 12.59 15.75 3.71
C TRP B 32 11.52 16.39 4.59
N ARG B 33 11.90 16.70 5.84
CA ARG B 33 10.97 17.31 6.78
C ARG B 33 11.50 18.65 7.28
N ILE B 34 12.15 19.39 6.39
CA ILE B 34 12.72 20.69 6.74
C ILE B 34 11.62 21.69 7.07
N MET C 1 -3.37 -10.55 -26.86
CA MET C 1 -4.77 -10.76 -26.51
C MET C 1 -4.90 -11.81 -25.41
N ASP C 2 -4.02 -11.73 -24.42
CA ASP C 2 -4.04 -12.67 -23.30
C ASP C 2 -3.87 -11.95 -21.97
N SER C 3 -3.91 -10.62 -22.03
CA SER C 3 -3.76 -9.80 -20.83
C SER C 3 -5.12 -9.45 -20.23
N ALA C 4 -6.04 -10.40 -20.27
CA ALA C 4 -7.38 -10.19 -19.74
C ALA C 4 -7.36 -10.14 -18.21
N PRO C 5 -6.91 -11.23 -17.59
CA PRO C 5 -6.83 -11.34 -16.14
C PRO C 5 -5.75 -10.44 -15.55
N PHE C 6 -4.68 -10.24 -16.31
CA PHE C 6 -3.57 -9.39 -15.87
C PHE C 6 -3.99 -7.93 -15.79
N GLU C 7 -4.84 -7.52 -16.73
CA GLU C 7 -5.32 -6.14 -16.77
C GLU C 7 -6.01 -5.76 -15.46
N LEU C 8 -6.97 -6.59 -15.05
CA LEU C 8 -7.71 -6.35 -13.82
C LEU C 8 -6.76 -6.26 -12.62
N PHE C 9 -5.82 -7.21 -12.54
CA PHE C 9 -4.86 -7.23 -11.44
C PHE C 9 -4.16 -5.89 -11.31
N PHE C 10 -3.74 -5.32 -12.43
CA PHE C 10 -3.05 -4.04 -12.44
C PHE C 10 -4.04 -2.89 -12.16
N MET C 11 -5.30 -3.12 -12.50
CA MET C 11 -6.34 -2.12 -12.29
C MET C 11 -6.67 -1.98 -10.80
N ILE C 12 -6.72 -3.11 -10.11
CA ILE C 12 -7.03 -3.11 -8.68
C ILE C 12 -5.78 -2.85 -7.85
N ASN C 13 -4.73 -3.63 -8.12
CA ASN C 13 -3.47 -3.48 -7.40
C ASN C 13 -3.00 -2.03 -7.41
N THR C 14 -2.81 -1.48 -8.60
CA THR C 14 -2.36 -0.11 -8.75
C THR C 14 -3.21 0.84 -7.91
N SER C 15 -4.49 0.51 -7.75
CA SER C 15 -5.40 1.33 -6.97
C SER C 15 -4.99 1.36 -5.50
N ILE C 16 -5.04 0.20 -4.85
CA ILE C 16 -4.67 0.09 -3.45
C ILE C 16 -3.24 0.59 -3.21
N LEU C 17 -2.35 0.29 -4.16
CA LEU C 17 -0.96 0.70 -4.05
C LEU C 17 -0.84 2.23 -4.14
N LEU C 18 -1.43 2.80 -5.18
CA LEU C 18 -1.39 4.24 -5.39
C LEU C 18 -2.07 4.97 -4.23
N ILE C 19 -3.09 4.36 -3.66
CA ILE C 19 -3.82 4.94 -2.54
C ILE C 19 -2.90 5.14 -1.34
N PHE C 20 -2.30 4.06 -0.88
CA PHE C 20 -1.40 4.11 0.27
C PHE C 20 -0.21 5.03 -0.02
N ILE C 21 0.38 4.89 -1.20
CA ILE C 21 1.51 5.71 -1.59
C ILE C 21 1.14 7.19 -1.61
N PHE C 22 0.07 7.51 -2.32
CA PHE C 22 -0.39 8.89 -2.42
C PHE C 22 -0.80 9.44 -1.05
N ILE C 23 -1.72 8.73 -0.39
CA ILE C 23 -2.19 9.14 0.92
C ILE C 23 -1.03 9.57 1.82
N VAL C 24 0.00 8.74 1.88
CA VAL C 24 1.18 9.02 2.69
C VAL C 24 1.81 10.34 2.28
N LEU C 25 2.10 10.49 0.99
CA LEU C 25 2.70 11.71 0.47
C LEU C 25 1.82 12.92 0.75
N LEU C 26 0.52 12.75 0.57
CA LEU C 26 -0.42 13.84 0.80
C LEU C 26 -0.25 14.42 2.20
N ILE C 27 -0.34 13.56 3.21
CA ILE C 27 -0.19 14.00 4.59
C ILE C 27 1.17 14.67 4.81
N HIS C 28 2.23 13.99 4.38
CA HIS C 28 3.58 14.53 4.53
C HIS C 28 3.66 15.97 4.03
N PHE C 29 2.87 16.28 3.01
CA PHE C 29 2.84 17.63 2.45
C PHE C 29 1.68 18.44 3.03
N GLU C 30 0.69 17.74 3.57
CA GLU C 30 -0.47 18.39 4.16
C GLU C 30 -0.11 19.10 5.46
N GLY C 31 1.15 18.94 5.88
CA GLY C 31 1.60 19.57 7.10
C GLY C 31 2.23 18.58 8.06
N TRP C 32 3.11 17.73 7.54
CA TRP C 32 3.78 16.73 8.36
C TRP C 32 5.29 16.87 8.28
N ARG C 33 5.75 18.04 7.84
CA ARG C 33 7.18 18.31 7.70
C ARG C 33 7.56 19.56 8.50
N ILE C 34 6.95 19.72 9.67
CA ILE C 34 7.24 20.87 10.52
C ILE C 34 8.67 20.83 11.02
N MET A 1 -21.39 -10.95 -12.33
CA MET A 1 -22.61 -10.58 -11.64
C MET A 1 -22.63 -11.12 -10.21
N ASP A 2 -21.45 -11.21 -9.60
CA ASP A 2 -21.34 -11.72 -8.24
C ASP A 2 -20.04 -11.22 -7.59
N SER A 3 -20.20 -10.48 -6.49
CA SER A 3 -19.05 -9.94 -5.78
C SER A 3 -18.68 -10.84 -4.60
N ALA A 4 -18.74 -12.15 -4.81
CA ALA A 4 -18.41 -13.12 -3.78
C ALA A 4 -16.90 -13.12 -3.49
N PRO A 5 -16.11 -13.43 -4.52
CA PRO A 5 -14.65 -13.48 -4.41
C PRO A 5 -14.03 -12.09 -4.22
N PHE A 6 -14.54 -11.12 -4.97
CA PHE A 6 -14.05 -9.75 -4.90
C PHE A 6 -14.14 -9.23 -3.47
N GLU A 7 -15.23 -9.55 -2.79
CA GLU A 7 -15.45 -9.11 -1.41
C GLU A 7 -14.27 -9.49 -0.53
N LEU A 8 -13.98 -10.78 -0.46
CA LEU A 8 -12.87 -11.27 0.36
C LEU A 8 -11.57 -10.59 -0.04
N PHE A 9 -11.34 -10.46 -1.33
CA PHE A 9 -10.12 -9.82 -1.84
C PHE A 9 -9.92 -8.46 -1.19
N PHE A 10 -11.00 -7.71 -1.04
CA PHE A 10 -10.94 -6.39 -0.44
C PHE A 10 -10.74 -6.48 1.07
N MET A 11 -11.25 -7.56 1.66
CA MET A 11 -11.13 -7.78 3.10
C MET A 11 -9.71 -8.20 3.47
N ILE A 12 -9.08 -8.97 2.58
CA ILE A 12 -7.72 -9.44 2.81
C ILE A 12 -6.70 -8.39 2.38
N ASN A 13 -6.88 -7.86 1.17
CA ASN A 13 -5.98 -6.85 0.64
C ASN A 13 -5.92 -5.64 1.55
N THR A 14 -7.07 -5.03 1.79
CA THR A 14 -7.15 -3.85 2.65
C THR A 14 -6.47 -4.10 3.99
N SER A 15 -6.54 -5.34 4.45
CA SER A 15 -5.92 -5.71 5.73
C SER A 15 -4.40 -5.55 5.67
N ILE A 16 -3.76 -6.35 4.82
CA ILE A 16 -2.31 -6.29 4.67
C ILE A 16 -1.84 -4.86 4.41
N LEU A 17 -2.60 -4.13 3.60
CA LEU A 17 -2.25 -2.75 3.28
C LEU A 17 -2.39 -1.86 4.51
N LEU A 18 -3.59 -1.84 5.07
CA LEU A 18 -3.86 -1.02 6.26
C LEU A 18 -2.85 -1.31 7.36
N ILE A 19 -2.41 -2.56 7.44
CA ILE A 19 -1.43 -2.97 8.44
C ILE A 19 -0.11 -2.25 8.24
N PHE A 20 0.49 -2.46 7.07
CA PHE A 20 1.78 -1.84 6.75
C PHE A 20 1.66 -0.32 6.76
N ILE A 21 0.54 0.19 6.26
CA ILE A 21 0.30 1.63 6.22
C ILE A 21 0.24 2.23 7.62
N PHE A 22 -0.61 1.65 8.47
CA PHE A 22 -0.77 2.12 9.84
C PHE A 22 0.50 1.86 10.65
N ILE A 23 0.94 0.60 10.67
CA ILE A 23 2.14 0.22 11.40
C ILE A 23 3.28 1.19 11.14
N VAL A 24 3.58 1.40 9.87
CA VAL A 24 4.65 2.31 9.48
C VAL A 24 4.43 3.70 10.06
N LEU A 25 3.22 4.22 9.90
CA LEU A 25 2.88 5.54 10.41
C LEU A 25 2.97 5.57 11.93
N LEU A 26 2.59 4.47 12.57
CA LEU A 26 2.63 4.37 14.02
C LEU A 26 4.04 4.59 14.55
N ILE A 27 5.00 3.89 13.93
CA ILE A 27 6.40 4.00 14.34
C ILE A 27 6.94 5.39 14.02
N HIS A 28 6.73 5.85 12.79
CA HIS A 28 7.19 7.16 12.37
C HIS A 28 6.77 8.24 13.35
N PHE A 29 5.60 8.05 13.96
CA PHE A 29 5.07 9.01 14.92
C PHE A 29 5.35 8.55 16.35
N GLU A 30 5.63 7.27 16.51
CA GLU A 30 5.92 6.71 17.83
C GLU A 30 7.27 7.19 18.34
N GLY A 31 7.98 7.95 17.50
CA GLY A 31 9.28 8.46 17.88
C GLY A 31 10.36 8.09 16.88
N TRP A 32 10.10 8.36 15.61
CA TRP A 32 11.06 8.06 14.55
C TRP A 32 11.50 9.33 13.83
N ARG A 33 11.30 10.47 14.48
CA ARG A 33 11.67 11.76 13.91
C ARG A 33 12.73 12.45 14.75
N ILE A 34 13.65 11.66 15.32
CA ILE A 34 14.71 12.19 16.15
C ILE A 34 15.71 13.00 15.33
N MET B 1 -5.37 -25.92 -3.19
CA MET B 1 -4.18 -26.73 -2.97
C MET B 1 -3.05 -26.32 -3.90
N ASP B 2 -3.02 -25.03 -4.24
CA ASP B 2 -1.98 -24.50 -5.12
C ASP B 2 -1.82 -22.99 -4.93
N SER B 3 -0.65 -22.58 -4.46
CA SER B 3 -0.37 -21.17 -4.23
C SER B 3 0.49 -20.59 -5.35
N ALA B 4 0.13 -20.93 -6.59
CA ALA B 4 0.87 -20.44 -7.75
C ALA B 4 0.61 -18.96 -7.97
N PRO B 5 -0.66 -18.59 -8.18
CA PRO B 5 -1.06 -17.20 -8.40
C PRO B 5 -0.92 -16.35 -7.15
N PHE B 6 -1.32 -16.90 -6.01
CA PHE B 6 -1.24 -16.18 -4.75
C PHE B 6 0.19 -15.72 -4.48
N GLU B 7 1.15 -16.59 -4.77
CA GLU B 7 2.55 -16.28 -4.56
C GLU B 7 2.93 -14.95 -5.22
N LEU B 8 2.74 -14.89 -6.54
CA LEU B 8 3.06 -13.69 -7.30
C LEU B 8 2.34 -12.48 -6.72
N PHE B 9 1.05 -12.65 -6.40
CA PHE B 9 0.26 -11.57 -5.84
C PHE B 9 0.96 -10.93 -4.64
N PHE B 10 1.57 -11.77 -3.82
CA PHE B 10 2.28 -11.29 -2.63
C PHE B 10 3.61 -10.65 -3.02
N MET B 11 4.18 -11.12 -4.12
CA MET B 11 5.46 -10.60 -4.59
C MET B 11 5.27 -9.24 -5.27
N ILE B 12 4.09 -9.04 -5.85
CA ILE B 12 3.78 -7.78 -6.53
C ILE B 12 3.30 -6.73 -5.54
N ASN B 13 2.32 -7.10 -4.72
CA ASN B 13 1.77 -6.19 -3.73
C ASN B 13 2.86 -5.68 -2.79
N THR B 14 3.54 -6.61 -2.12
CA THR B 14 4.61 -6.26 -1.19
C THR B 14 5.60 -5.29 -1.84
N SER B 15 5.85 -5.49 -3.13
CA SER B 15 6.78 -4.63 -3.85
C SER B 15 6.31 -3.18 -3.85
N ILE B 16 5.14 -2.95 -4.44
CA ILE B 16 4.57 -1.61 -4.52
C ILE B 16 4.55 -0.95 -3.15
N LEU B 17 4.03 -1.66 -2.16
CA LEU B 17 3.95 -1.15 -0.80
C LEU B 17 5.35 -0.84 -0.25
N LEU B 18 6.24 -1.82 -0.32
CA LEU B 18 7.60 -1.66 0.17
C LEU B 18 8.29 -0.48 -0.52
N ILE B 19 7.94 -0.27 -1.79
CA ILE B 19 8.51 0.83 -2.57
C ILE B 19 8.13 2.18 -1.96
N PHE B 20 6.84 2.47 -1.92
CA PHE B 20 6.34 3.73 -1.38
C PHE B 20 6.70 3.86 0.10
N ILE B 21 6.59 2.75 0.83
CA ILE B 21 6.90 2.74 2.25
C ILE B 21 8.38 3.04 2.48
N PHE B 22 9.25 2.26 1.85
CA PHE B 22 10.69 2.45 1.99
C PHE B 22 11.13 3.81 1.45
N ILE B 23 10.73 4.09 0.21
CA ILE B 23 11.08 5.36 -0.42
C ILE B 23 10.83 6.53 0.52
N VAL B 24 9.67 6.53 1.17
CA VAL B 24 9.32 7.59 2.11
C VAL B 24 10.31 7.64 3.28
N LEU B 25 10.52 6.50 3.92
CA LEU B 25 11.43 6.42 5.05
C LEU B 25 12.84 6.82 4.65
N LEU B 26 13.23 6.45 3.42
CA LEU B 26 14.55 6.78 2.91
C LEU B 26 14.77 8.30 2.87
N ILE B 27 13.79 9.02 2.34
CA ILE B 27 13.87 10.47 2.26
C ILE B 27 13.80 11.11 3.65
N HIS B 28 12.80 10.71 4.42
CA HIS B 28 12.61 11.23 5.77
C HIS B 28 13.91 11.13 6.57
N PHE B 29 14.70 10.10 6.30
CA PHE B 29 15.96 9.90 6.99
C PHE B 29 17.12 10.44 6.17
N GLU B 30 16.91 10.59 4.86
CA GLU B 30 17.94 11.10 3.97
C GLU B 30 18.20 12.57 4.21
N GLY B 31 17.41 13.16 5.11
CA GLY B 31 17.57 14.58 5.42
C GLY B 31 16.27 15.35 5.29
N TRP B 32 15.21 14.84 5.92
CA TRP B 32 13.91 15.48 5.87
C TRP B 32 13.38 15.76 7.28
N ARG B 33 14.29 15.77 8.25
CA ARG B 33 13.91 16.02 9.63
C ARG B 33 14.42 17.39 10.10
N ILE B 34 14.36 18.37 9.21
CA ILE B 34 14.81 19.72 9.54
C ILE B 34 13.98 20.32 10.65
N MET C 1 -6.02 -19.86 -15.84
CA MET C 1 -6.08 -19.77 -17.29
C MET C 1 -7.04 -18.67 -17.73
N ASP C 2 -7.14 -17.62 -16.93
CA ASP C 2 -8.03 -16.50 -17.24
C ASP C 2 -7.58 -15.24 -16.52
N SER C 3 -7.28 -14.20 -17.27
CA SER C 3 -6.84 -12.92 -16.70
C SER C 3 -8.02 -11.97 -16.54
N ALA C 4 -9.17 -12.51 -16.18
CA ALA C 4 -10.37 -11.71 -15.99
C ALA C 4 -10.27 -10.85 -14.74
N PRO C 5 -10.10 -11.51 -13.58
CA PRO C 5 -9.99 -10.83 -12.29
C PRO C 5 -8.67 -10.08 -12.14
N PHE C 6 -7.59 -10.68 -12.63
CA PHE C 6 -6.27 -10.06 -12.56
C PHE C 6 -6.26 -8.71 -13.26
N GLU C 7 -6.94 -8.64 -14.41
CA GLU C 7 -7.02 -7.41 -15.18
C GLU C 7 -7.51 -6.25 -14.32
N LEU C 8 -8.71 -6.41 -13.76
CA LEU C 8 -9.30 -5.38 -12.92
C LEU C 8 -8.37 -4.99 -11.77
N PHE C 9 -7.78 -6.01 -11.13
CA PHE C 9 -6.87 -5.79 -10.03
C PHE C 9 -5.78 -4.79 -10.42
N PHE C 10 -5.28 -4.92 -11.65
CA PHE C 10 -4.24 -4.03 -12.15
C PHE C 10 -4.80 -2.65 -12.47
N MET C 11 -6.08 -2.61 -12.83
CA MET C 11 -6.74 -1.35 -13.16
C MET C 11 -7.07 -0.57 -11.90
N ILE C 12 -7.41 -1.28 -10.84
CA ILE C 12 -7.76 -0.65 -9.58
C ILE C 12 -6.50 -0.34 -8.76
N ASN C 13 -5.47 -1.15 -8.94
CA ASN C 13 -4.22 -0.97 -8.23
C ASN C 13 -3.74 0.48 -8.32
N THR C 14 -3.58 0.98 -9.55
CA THR C 14 -3.13 2.34 -9.77
C THR C 14 -3.91 3.32 -8.91
N SER C 15 -5.22 3.07 -8.76
CA SER C 15 -6.08 3.93 -7.96
C SER C 15 -5.66 3.91 -6.50
N ILE C 16 -5.78 2.73 -5.87
CA ILE C 16 -5.42 2.58 -4.47
C ILE C 16 -4.00 3.08 -4.20
N LEU C 17 -3.13 2.92 -5.19
CA LEU C 17 -1.74 3.35 -5.07
C LEU C 17 -1.66 4.87 -5.03
N LEU C 18 -2.13 5.51 -6.09
CA LEU C 18 -2.10 6.97 -6.18
C LEU C 18 -2.81 7.60 -4.98
N ILE C 19 -3.84 6.91 -4.48
CA ILE C 19 -4.60 7.40 -3.34
C ILE C 19 -3.72 7.49 -2.09
N PHE C 20 -3.17 6.35 -1.69
CA PHE C 20 -2.31 6.31 -0.51
C PHE C 20 -1.07 7.18 -0.70
N ILE C 21 -0.50 7.13 -1.90
CA ILE C 21 0.69 7.92 -2.21
C ILE C 21 0.38 9.42 -2.15
N PHE C 22 -0.62 9.84 -2.93
CA PHE C 22 -1.01 11.25 -2.96
C PHE C 22 -1.48 11.71 -1.59
N ILE C 23 -2.43 10.98 -1.01
CA ILE C 23 -2.96 11.32 0.30
C ILE C 23 -1.85 11.67 1.28
N VAL C 24 -0.83 10.81 1.35
CA VAL C 24 0.30 11.03 2.24
C VAL C 24 1.00 12.34 1.92
N LEU C 25 1.32 12.54 0.65
CA LEU C 25 1.99 13.76 0.22
C LEU C 25 1.13 14.99 0.48
N LEU C 26 -0.18 14.82 0.34
CA LEU C 26 -1.12 15.91 0.56
C LEU C 26 -1.02 16.43 2.00
N ILE C 27 -1.00 15.51 2.95
CA ILE C 27 -0.91 15.87 4.36
C ILE C 27 0.46 16.44 4.69
N HIS C 28 1.51 15.72 4.29
CA HIS C 28 2.87 16.16 4.54
C HIS C 28 3.08 17.60 4.08
N PHE C 29 2.38 17.99 3.02
CA PHE C 29 2.48 19.33 2.49
C PHE C 29 1.36 20.22 3.02
N GLU C 30 0.28 19.59 3.48
CA GLU C 30 -0.86 20.32 4.00
C GLU C 30 -0.52 20.95 5.35
N GLY C 31 0.69 20.68 5.84
CA GLY C 31 1.11 21.23 7.11
C GLY C 31 1.60 20.16 8.07
N TRP C 32 2.50 19.31 7.59
CA TRP C 32 3.06 18.23 8.41
C TRP C 32 4.58 18.25 8.36
N ARG C 33 5.15 19.41 8.06
CA ARG C 33 6.60 19.55 7.98
C ARG C 33 7.13 20.38 9.16
N ILE C 34 6.52 20.18 10.32
CA ILE C 34 6.92 20.91 11.52
C ILE C 34 8.34 20.54 11.93
N MET A 1 -25.13 -3.59 -7.13
CA MET A 1 -25.23 -4.89 -6.49
C MET A 1 -24.33 -5.91 -7.19
N ASP A 2 -23.18 -5.45 -7.65
CA ASP A 2 -22.23 -6.32 -8.33
C ASP A 2 -20.89 -6.35 -7.59
N SER A 3 -20.84 -5.68 -6.45
CA SER A 3 -19.61 -5.62 -5.65
C SER A 3 -19.77 -6.45 -4.38
N ALA A 4 -20.46 -7.58 -4.48
CA ALA A 4 -20.68 -8.45 -3.34
C ALA A 4 -19.38 -9.15 -2.94
N PRO A 5 -18.81 -9.94 -3.86
CA PRO A 5 -17.57 -10.67 -3.62
C PRO A 5 -16.36 -9.75 -3.52
N PHE A 6 -16.38 -8.67 -4.29
CA PHE A 6 -15.28 -7.70 -4.28
C PHE A 6 -15.18 -7.00 -2.93
N GLU A 7 -16.34 -6.76 -2.32
CA GLU A 7 -16.37 -6.08 -1.02
C GLU A 7 -15.57 -6.86 0.02
N LEU A 8 -15.87 -8.14 0.16
CA LEU A 8 -15.18 -8.99 1.12
C LEU A 8 -13.67 -8.98 0.87
N PHE A 9 -13.28 -9.16 -0.39
CA PHE A 9 -11.88 -9.17 -0.77
C PHE A 9 -11.16 -7.93 -0.22
N PHE A 10 -11.81 -6.78 -0.35
CA PHE A 10 -11.24 -5.52 0.13
C PHE A 10 -11.32 -5.44 1.65
N MET A 11 -12.29 -6.14 2.23
CA MET A 11 -12.45 -6.14 3.69
C MET A 11 -11.33 -6.90 4.36
N ILE A 12 -10.81 -7.93 3.69
CA ILE A 12 -9.73 -8.73 4.23
C ILE A 12 -8.37 -8.11 3.92
N ASN A 13 -8.21 -7.61 2.70
CA ASN A 13 -6.97 -6.97 2.28
C ASN A 13 -6.69 -5.72 3.10
N THR A 14 -7.74 -4.95 3.37
CA THR A 14 -7.61 -3.72 4.14
C THR A 14 -6.84 -3.97 5.43
N SER A 15 -6.94 -5.19 5.95
CA SER A 15 -6.26 -5.54 7.19
C SER A 15 -4.74 -5.48 7.02
N ILE A 16 -4.21 -6.33 6.15
CA ILE A 16 -2.78 -6.36 5.91
C ILE A 16 -2.26 -4.98 5.52
N LEU A 17 -3.07 -4.23 4.78
CA LEU A 17 -2.69 -2.89 4.35
C LEU A 17 -2.65 -1.94 5.54
N LEU A 18 -3.78 -1.78 6.21
CA LEU A 18 -3.88 -0.89 7.36
C LEU A 18 -2.79 -1.21 8.37
N ILE A 19 -2.36 -2.46 8.42
CA ILE A 19 -1.32 -2.90 9.34
C ILE A 19 0.03 -2.28 8.97
N PHE A 20 0.49 -2.59 7.76
CA PHE A 20 1.76 -2.08 7.28
C PHE A 20 1.74 -0.55 7.19
N ILE A 21 0.59 -0.01 6.82
CA ILE A 21 0.43 1.43 6.70
C ILE A 21 0.52 2.11 8.06
N PHE A 22 -0.29 1.65 9.00
CA PHE A 22 -0.31 2.22 10.35
C PHE A 22 1.01 1.93 11.07
N ILE A 23 1.37 0.65 11.15
CA ILE A 23 2.61 0.26 11.81
C ILE A 23 3.78 1.13 11.38
N VAL A 24 4.02 1.18 10.07
CA VAL A 24 5.10 1.98 9.53
C VAL A 24 5.02 3.43 10.01
N LEU A 25 3.83 4.01 9.92
CA LEU A 25 3.61 5.38 10.35
C LEU A 25 3.82 5.52 11.85
N LEU A 26 3.44 4.50 12.60
CA LEU A 26 3.58 4.51 14.05
C LEU A 26 5.05 4.68 14.44
N ILE A 27 5.91 3.88 13.81
CA ILE A 27 7.35 3.95 14.09
C ILE A 27 7.93 5.28 13.66
N HIS A 28 7.66 5.67 12.42
CA HIS A 28 8.16 6.93 11.88
C HIS A 28 7.86 8.08 12.83
N PHE A 29 6.73 7.99 13.52
CA PHE A 29 6.33 9.04 14.46
C PHE A 29 6.72 8.66 15.89
N GLU A 30 6.94 7.36 16.11
CA GLU A 30 7.32 6.87 17.43
C GLU A 30 8.74 7.27 17.78
N GLY A 31 9.41 7.94 16.84
CA GLY A 31 10.78 8.36 17.06
C GLY A 31 11.72 7.88 15.99
N TRP A 32 11.34 8.09 14.73
CA TRP A 32 12.17 7.66 13.60
C TRP A 32 12.45 8.83 12.66
N ARG A 33 12.30 10.05 13.18
CA ARG A 33 12.55 11.25 12.40
C ARG A 33 13.91 11.85 12.72
N ILE A 34 14.90 10.98 12.92
CA ILE A 34 16.25 11.43 13.24
C ILE A 34 16.95 11.99 12.01
N MET B 1 1.17 -27.03 0.18
CA MET B 1 0.88 -26.77 -1.22
C MET B 1 -0.56 -26.30 -1.40
N ASP B 2 -1.05 -25.53 -0.43
CA ASP B 2 -2.41 -25.02 -0.48
C ASP B 2 -2.42 -23.49 -0.48
N SER B 3 -1.23 -22.90 -0.50
CA SER B 3 -1.09 -21.44 -0.49
C SER B 3 -0.52 -20.95 -1.82
N ALA B 4 -0.94 -21.59 -2.91
CA ALA B 4 -0.47 -21.21 -4.25
C ALA B 4 -1.04 -19.85 -4.66
N PRO B 5 -2.37 -19.77 -4.72
CA PRO B 5 -3.07 -18.53 -5.10
C PRO B 5 -2.95 -17.45 -4.05
N PHE B 6 -2.89 -17.86 -2.79
CA PHE B 6 -2.78 -16.92 -1.68
C PHE B 6 -1.43 -16.23 -1.69
N GLU B 7 -0.40 -16.96 -2.08
CA GLU B 7 0.96 -16.42 -2.13
C GLU B 7 1.02 -15.21 -3.05
N LEU B 8 0.54 -15.37 -4.27
CA LEU B 8 0.53 -14.28 -5.25
C LEU B 8 -0.15 -13.04 -4.68
N PHE B 9 -1.36 -13.22 -4.16
CA PHE B 9 -2.12 -12.11 -3.58
C PHE B 9 -1.26 -11.34 -2.59
N PHE B 10 -0.54 -12.06 -1.74
CA PHE B 10 0.32 -11.44 -0.74
C PHE B 10 1.57 -10.84 -1.38
N MET B 11 1.96 -11.41 -2.52
CA MET B 11 3.14 -10.94 -3.24
C MET B 11 2.85 -9.62 -3.95
N ILE B 12 1.61 -9.45 -4.40
CA ILE B 12 1.22 -8.23 -5.10
C ILE B 12 1.00 -7.09 -4.12
N ASN B 13 0.24 -7.35 -3.06
CA ASN B 13 -0.04 -6.34 -2.04
C ASN B 13 1.24 -5.86 -1.38
N THR B 14 2.00 -6.81 -0.83
CA THR B 14 3.25 -6.49 -0.16
C THR B 14 4.14 -5.62 -1.04
N SER B 15 4.04 -5.81 -2.35
CA SER B 15 4.84 -5.05 -3.31
C SER B 15 4.48 -3.57 -3.25
N ILE B 16 3.22 -3.26 -3.58
CA ILE B 16 2.74 -1.89 -3.57
C ILE B 16 3.09 -1.20 -2.26
N LEU B 17 2.85 -1.89 -1.15
CA LEU B 17 3.14 -1.34 0.17
C LEU B 17 4.64 -1.16 0.36
N LEU B 18 5.38 -2.24 0.19
CA LEU B 18 6.84 -2.20 0.35
C LEU B 18 7.46 -1.16 -0.59
N ILE B 19 6.74 -0.82 -1.65
CA ILE B 19 7.21 0.15 -2.61
C ILE B 19 7.15 1.57 -2.05
N PHE B 20 5.93 2.00 -1.71
CA PHE B 20 5.72 3.34 -1.16
C PHE B 20 6.32 3.44 0.24
N ILE B 21 6.22 2.37 1.01
CA ILE B 21 6.75 2.34 2.36
C ILE B 21 8.27 2.50 2.36
N PHE B 22 8.94 1.72 1.52
CA PHE B 22 10.40 1.79 1.42
C PHE B 22 10.85 3.07 0.72
N ILE B 23 10.32 3.29 -0.49
CA ILE B 23 10.66 4.48 -1.25
C ILE B 23 10.57 5.73 -0.39
N VAL B 24 9.47 5.88 0.33
CA VAL B 24 9.26 7.03 1.20
C VAL B 24 10.34 7.10 2.29
N LEU B 25 10.54 5.99 2.99
CA LEU B 25 11.52 5.93 4.05
C LEU B 25 12.92 6.26 3.52
N LEU B 26 13.21 5.76 2.33
CA LEU B 26 14.51 6.00 1.70
C LEU B 26 14.76 7.49 1.53
N ILE B 27 13.77 8.20 0.99
CA ILE B 27 13.88 9.64 0.77
C ILE B 27 13.90 10.40 2.08
N HIS B 28 12.95 10.08 2.96
CA HIS B 28 12.86 10.72 4.26
C HIS B 28 14.21 10.69 4.99
N PHE B 29 14.98 9.63 4.75
CA PHE B 29 16.28 9.49 5.37
C PHE B 29 17.39 9.91 4.41
N GLU B 30 17.08 9.92 3.12
CA GLU B 30 18.05 10.31 2.11
C GLU B 30 18.35 11.81 2.17
N GLY B 31 17.65 12.49 3.08
CA GLY B 31 17.84 13.92 3.23
C GLY B 31 16.55 14.71 3.08
N TRP B 32 15.52 14.28 3.79
CA TRP B 32 14.22 14.94 3.74
C TRP B 32 13.79 15.41 5.12
N ARG B 33 14.76 15.57 6.01
CA ARG B 33 14.48 16.02 7.38
C ARG B 33 14.88 17.48 7.56
N ILE B 34 14.57 18.30 6.55
CA ILE B 34 14.90 19.72 6.62
C ILE B 34 14.14 20.41 7.74
N MET C 1 -4.62 -10.12 -28.12
CA MET C 1 -5.62 -10.71 -27.23
C MET C 1 -4.97 -11.68 -26.25
N ASP C 2 -3.77 -11.34 -25.81
CA ASP C 2 -3.04 -12.18 -24.86
C ASP C 2 -2.74 -11.42 -23.58
N SER C 3 -3.24 -10.19 -23.49
CA SER C 3 -3.02 -9.35 -22.32
C SER C 3 -4.33 -9.15 -21.55
N ALA C 4 -5.15 -10.20 -21.50
CA ALA C 4 -6.42 -10.13 -20.80
C ALA C 4 -6.21 -10.09 -19.29
N PRO C 5 -5.57 -11.14 -18.75
CA PRO C 5 -5.29 -11.24 -17.31
C PRO C 5 -4.24 -10.23 -16.85
N PHE C 6 -3.28 -9.93 -17.73
CA PHE C 6 -2.22 -8.99 -17.41
C PHE C 6 -2.79 -7.58 -17.25
N GLU C 7 -3.79 -7.25 -18.05
CA GLU C 7 -4.42 -5.94 -18.01
C GLU C 7 -4.98 -5.65 -16.62
N LEU C 8 -5.81 -6.56 -16.12
CA LEU C 8 -6.41 -6.39 -14.80
C LEU C 8 -5.35 -6.19 -13.74
N PHE C 9 -4.33 -7.04 -13.75
CA PHE C 9 -3.24 -6.95 -12.78
C PHE C 9 -2.67 -5.54 -12.74
N PHE C 10 -2.45 -4.95 -13.91
CA PHE C 10 -1.92 -3.61 -14.01
C PHE C 10 -2.95 -2.57 -13.62
N MET C 11 -4.23 -2.92 -13.79
CA MET C 11 -5.33 -2.02 -13.45
C MET C 11 -5.51 -1.93 -11.94
N ILE C 12 -5.33 -3.05 -11.26
CA ILE C 12 -5.46 -3.08 -9.81
C ILE C 12 -4.18 -2.65 -9.12
N ASN C 13 -3.05 -3.04 -9.68
CA ASN C 13 -1.74 -2.70 -9.11
C ASN C 13 -1.62 -1.20 -8.94
N THR C 14 -1.69 -0.45 -10.04
CA THR C 14 -1.58 0.99 -10.00
C THR C 14 -2.63 1.60 -9.08
N SER C 15 -3.78 0.94 -8.99
CA SER C 15 -4.87 1.42 -8.13
C SER C 15 -4.44 1.43 -6.67
N ILE C 16 -4.16 0.25 -6.13
CA ILE C 16 -3.74 0.12 -4.73
C ILE C 16 -2.56 1.03 -4.44
N LEU C 17 -1.69 1.23 -5.43
CA LEU C 17 -0.52 2.08 -5.27
C LEU C 17 -0.93 3.55 -5.19
N LEU C 18 -1.57 4.04 -6.25
CA LEU C 18 -2.02 5.43 -6.29
C LEU C 18 -2.88 5.77 -5.08
N ILE C 19 -3.62 4.79 -4.59
CA ILE C 19 -4.48 4.98 -3.44
C ILE C 19 -3.67 5.27 -2.19
N PHE C 20 -2.82 4.33 -1.80
CA PHE C 20 -1.98 4.48 -0.62
C PHE C 20 -1.03 5.67 -0.78
N ILE C 21 -0.50 5.83 -1.99
CA ILE C 21 0.41 6.93 -2.28
C ILE C 21 -0.28 8.28 -2.16
N PHE C 22 -1.37 8.43 -2.91
CA PHE C 22 -2.14 9.68 -2.90
C PHE C 22 -2.71 9.95 -1.51
N ILE C 23 -3.44 8.97 -0.98
CA ILE C 23 -4.05 9.10 0.34
C ILE C 23 -3.07 9.71 1.34
N VAL C 24 -1.91 9.08 1.48
CA VAL C 24 -0.89 9.55 2.41
C VAL C 24 -0.53 11.00 2.12
N LEU C 25 -0.29 11.31 0.85
CA LEU C 25 0.07 12.66 0.44
C LEU C 25 -1.06 13.64 0.78
N LEU C 26 -2.30 13.19 0.61
CA LEU C 26 -3.46 14.02 0.89
C LEU C 26 -3.47 14.47 2.35
N ILE C 27 -3.24 13.53 3.25
CA ILE C 27 -3.22 13.84 4.68
C ILE C 27 -2.00 14.68 5.04
N HIS C 28 -0.82 14.21 4.63
CA HIS C 28 0.42 14.94 4.91
C HIS C 28 0.30 16.40 4.53
N PHE C 29 -0.49 16.68 3.49
CA PHE C 29 -0.69 18.05 3.03
C PHE C 29 -1.96 18.64 3.62
N GLU C 30 -2.89 17.77 4.01
CA GLU C 30 -4.15 18.21 4.60
C GLU C 30 -3.93 18.78 6.00
N GLY C 31 -2.69 18.74 6.47
CA GLY C 31 -2.37 19.26 7.79
C GLY C 31 -1.67 18.23 8.64
N TRP C 32 -0.66 17.57 8.07
CA TRP C 32 0.11 16.56 8.79
C TRP C 32 1.61 16.79 8.62
N ARG C 33 1.97 18.00 8.21
CA ARG C 33 3.37 18.35 8.00
C ARG C 33 3.92 19.13 9.19
N ILE C 34 3.55 18.70 10.39
CA ILE C 34 4.00 19.36 11.61
C ILE C 34 5.52 19.31 11.73
N MET A 1 -24.65 -2.43 -7.09
CA MET A 1 -24.94 -3.73 -6.52
C MET A 1 -24.15 -4.82 -7.24
N ASP A 2 -22.91 -4.52 -7.58
CA ASP A 2 -22.05 -5.48 -8.26
C ASP A 2 -20.72 -5.64 -7.53
N SER A 3 -20.60 -4.98 -6.39
CA SER A 3 -19.38 -5.05 -5.58
C SER A 3 -19.61 -5.89 -4.33
N ALA A 4 -20.39 -6.95 -4.47
CA ALA A 4 -20.68 -7.84 -3.36
C ALA A 4 -19.45 -8.66 -2.98
N PRO A 5 -18.96 -9.46 -3.92
CA PRO A 5 -17.78 -10.31 -3.72
C PRO A 5 -16.49 -9.50 -3.58
N PHE A 6 -16.43 -8.38 -4.30
CA PHE A 6 -15.25 -7.52 -4.28
C PHE A 6 -15.10 -6.87 -2.90
N GLU A 7 -16.22 -6.55 -2.28
CA GLU A 7 -16.22 -5.92 -0.96
C GLU A 7 -15.49 -6.79 0.05
N LEU A 8 -15.91 -8.05 0.15
CA LEU A 8 -15.28 -8.98 1.09
C LEU A 8 -13.78 -9.06 0.88
N PHE A 9 -13.37 -9.19 -0.39
CA PHE A 9 -11.96 -9.28 -0.73
C PHE A 9 -11.19 -8.11 -0.14
N PHE A 10 -11.72 -6.90 -0.30
CA PHE A 10 -11.07 -5.70 0.22
C PHE A 10 -11.18 -5.65 1.74
N MET A 11 -12.23 -6.27 2.28
CA MET A 11 -12.44 -6.29 3.73
C MET A 11 -11.40 -7.18 4.41
N ILE A 12 -10.92 -8.19 3.70
CA ILE A 12 -9.93 -9.10 4.24
C ILE A 12 -8.52 -8.55 4.06
N ASN A 13 -8.28 -7.89 2.94
CA ASN A 13 -6.97 -7.31 2.65
C ASN A 13 -6.73 -6.05 3.50
N THR A 14 -7.82 -5.36 3.83
CA THR A 14 -7.73 -4.15 4.62
C THR A 14 -6.91 -4.38 5.89
N SER A 15 -6.91 -5.61 6.38
CA SER A 15 -6.17 -5.97 7.58
C SER A 15 -4.67 -5.84 7.35
N ILE A 16 -4.13 -6.67 6.46
CA ILE A 16 -2.70 -6.65 6.15
C ILE A 16 -2.26 -5.25 5.74
N LEU A 17 -3.12 -4.55 5.01
CA LEU A 17 -2.81 -3.20 4.56
C LEU A 17 -2.78 -2.22 5.72
N LEU A 18 -3.91 -2.14 6.44
CA LEU A 18 -4.00 -1.24 7.59
C LEU A 18 -2.87 -1.48 8.58
N ILE A 19 -2.36 -2.72 8.60
CA ILE A 19 -1.27 -3.07 9.50
C ILE A 19 0.04 -2.42 9.06
N PHE A 20 0.47 -2.72 7.84
CA PHE A 20 1.71 -2.17 7.31
C PHE A 20 1.61 -0.65 7.18
N ILE A 21 0.41 -0.17 6.85
CA ILE A 21 0.18 1.27 6.70
C ILE A 21 0.33 1.99 8.03
N PHE A 22 -0.38 1.50 9.04
CA PHE A 22 -0.32 2.11 10.37
C PHE A 22 1.03 1.86 11.02
N ILE A 23 1.41 0.59 11.12
CA ILE A 23 2.69 0.22 11.72
C ILE A 23 3.81 1.13 11.24
N VAL A 24 3.92 1.27 9.92
CA VAL A 24 4.96 2.10 9.33
C VAL A 24 4.82 3.55 9.79
N LEU A 25 3.64 4.12 9.60
CA LEU A 25 3.39 5.50 10.00
C LEU A 25 3.71 5.70 11.48
N LEU A 26 3.29 4.76 12.31
CA LEU A 26 3.55 4.84 13.75
C LEU A 26 5.03 5.04 14.03
N ILE A 27 5.85 4.11 13.53
CA ILE A 27 7.30 4.19 13.73
C ILE A 27 7.86 5.50 13.19
N HIS A 28 7.50 5.82 11.94
CA HIS A 28 7.97 7.04 11.32
C HIS A 28 7.76 8.24 12.23
N PHE A 29 6.69 8.20 13.02
CA PHE A 29 6.38 9.28 13.95
C PHE A 29 6.85 8.94 15.36
N GLU A 30 7.10 7.66 15.61
CA GLU A 30 7.55 7.20 16.92
C GLU A 30 8.96 7.70 17.21
N GLY A 31 9.59 8.31 16.22
CA GLY A 31 10.94 8.82 16.38
C GLY A 31 11.88 8.32 15.31
N TRP A 32 11.46 8.42 14.05
CA TRP A 32 12.28 7.99 12.94
C TRP A 32 12.97 9.16 12.26
N ARG A 33 13.05 10.28 12.97
CA ARG A 33 13.69 11.47 12.44
C ARG A 33 13.93 12.50 13.55
N ILE A 34 15.10 12.41 14.18
CA ILE A 34 15.46 13.32 15.26
C ILE A 34 15.30 14.78 14.82
N MET B 1 1.42 -27.13 1.31
CA MET B 1 1.22 -27.04 -0.13
C MET B 1 -0.22 -26.61 -0.45
N ASP B 2 -0.75 -25.70 0.36
CA ASP B 2 -2.10 -25.21 0.16
C ASP B 2 -2.12 -23.69 0.07
N SER B 3 -0.94 -23.08 0.12
CA SER B 3 -0.81 -21.63 0.06
C SER B 3 -0.30 -21.19 -1.31
N ALA B 4 -0.74 -21.88 -2.35
CA ALA B 4 -0.32 -21.56 -3.71
C ALA B 4 -0.95 -20.25 -4.18
N PRO B 5 -2.29 -20.22 -4.22
CA PRO B 5 -3.04 -19.03 -4.65
C PRO B 5 -2.93 -17.88 -3.65
N PHE B 6 -2.84 -18.23 -2.37
CA PHE B 6 -2.73 -17.23 -1.31
C PHE B 6 -1.40 -16.50 -1.39
N GLU B 7 -0.35 -17.21 -1.80
CA GLU B 7 0.98 -16.63 -1.91
C GLU B 7 0.97 -15.45 -2.88
N LEU B 8 0.47 -15.69 -4.09
CA LEU B 8 0.40 -14.65 -5.11
C LEU B 8 -0.31 -13.41 -4.58
N PHE B 9 -1.47 -13.61 -3.98
CA PHE B 9 -2.26 -12.51 -3.43
C PHE B 9 -1.40 -11.65 -2.50
N PHE B 10 -0.67 -12.29 -1.60
CA PHE B 10 0.19 -11.58 -0.66
C PHE B 10 1.38 -10.97 -1.39
N MET B 11 1.78 -11.57 -2.51
CA MET B 11 2.90 -11.08 -3.28
C MET B 11 2.53 -9.81 -4.05
N ILE B 12 1.26 -9.68 -4.36
CA ILE B 12 0.77 -8.51 -5.09
C ILE B 12 0.55 -7.33 -4.15
N ASN B 13 -0.05 -7.61 -2.99
CA ASN B 13 -0.33 -6.58 -2.01
C ASN B 13 0.97 -6.07 -1.37
N THR B 14 1.78 -7.01 -0.88
CA THR B 14 3.04 -6.65 -0.24
C THR B 14 3.89 -5.77 -1.15
N SER B 15 3.74 -5.96 -2.46
CA SER B 15 4.49 -5.18 -3.43
C SER B 15 4.10 -3.70 -3.37
N ILE B 16 2.84 -3.42 -3.65
CA ILE B 16 2.35 -2.04 -3.62
C ILE B 16 2.71 -1.36 -2.31
N LEU B 17 2.52 -2.07 -1.20
CA LEU B 17 2.83 -1.52 0.12
C LEU B 17 4.33 -1.31 0.28
N LEU B 18 5.10 -2.37 0.06
CA LEU B 18 6.56 -2.29 0.18
C LEU B 18 7.13 -1.24 -0.76
N ILE B 19 6.37 -0.93 -1.82
CA ILE B 19 6.80 0.06 -2.80
C ILE B 19 6.71 1.48 -2.22
N PHE B 20 5.51 1.89 -1.86
CA PHE B 20 5.28 3.21 -1.29
C PHE B 20 5.93 3.33 0.09
N ILE B 21 5.85 2.25 0.86
CA ILE B 21 6.43 2.23 2.20
C ILE B 21 7.94 2.44 2.15
N PHE B 22 8.61 1.67 1.30
CA PHE B 22 10.05 1.77 1.16
C PHE B 22 10.45 3.05 0.45
N ILE B 23 9.87 3.27 -0.73
CA ILE B 23 10.15 4.47 -1.51
C ILE B 23 10.09 5.72 -0.65
N VAL B 24 9.05 5.82 0.17
CA VAL B 24 8.86 6.96 1.04
C VAL B 24 9.99 7.06 2.07
N LEU B 25 10.20 5.96 2.80
CA LEU B 25 11.25 5.93 3.81
C LEU B 25 12.61 6.29 3.22
N LEU B 26 12.90 5.73 2.05
CA LEU B 26 14.16 5.99 1.36
C LEU B 26 14.37 7.49 1.18
N ILE B 27 13.42 8.15 0.54
CA ILE B 27 13.50 9.58 0.31
C ILE B 27 13.60 10.35 1.61
N HIS B 28 12.69 10.04 2.55
CA HIS B 28 12.67 10.71 3.85
C HIS B 28 14.07 10.71 4.46
N PHE B 29 14.84 9.66 4.19
CA PHE B 29 16.19 9.55 4.73
C PHE B 29 17.22 10.00 3.70
N GLU B 30 16.82 10.02 2.43
CA GLU B 30 17.71 10.44 1.35
C GLU B 30 18.03 11.91 1.45
N GLY B 31 17.37 12.61 2.38
CA GLY B 31 17.61 14.03 2.56
C GLY B 31 16.32 14.83 2.51
N TRP B 32 15.32 14.39 3.25
CA TRP B 32 14.03 15.09 3.29
C TRP B 32 13.84 15.80 4.62
N ARG B 33 14.94 16.04 5.33
CA ARG B 33 14.89 16.72 6.62
C ARG B 33 16.30 17.07 7.09
N ILE B 34 16.79 18.23 6.67
CA ILE B 34 18.12 18.69 7.05
C ILE B 34 18.30 18.64 8.57
N MET C 1 -3.63 -9.95 -28.52
CA MET C 1 -4.83 -10.45 -27.85
C MET C 1 -4.47 -11.51 -26.82
N ASP C 2 -3.35 -11.32 -26.13
CA ASP C 2 -2.91 -12.26 -25.12
C ASP C 2 -2.68 -11.56 -23.78
N SER C 3 -2.98 -10.26 -23.74
CA SER C 3 -2.81 -9.48 -22.52
C SER C 3 -4.16 -9.18 -21.87
N ALA C 4 -5.06 -10.15 -21.92
CA ALA C 4 -6.38 -9.99 -21.33
C ALA C 4 -6.32 -10.00 -19.81
N PRO C 5 -5.83 -11.11 -19.24
CA PRO C 5 -5.69 -11.27 -17.79
C PRO C 5 -4.60 -10.37 -17.20
N PHE C 6 -3.56 -10.13 -17.98
CA PHE C 6 -2.45 -9.30 -17.54
C PHE C 6 -2.90 -7.84 -17.41
N GLU C 7 -3.80 -7.42 -18.29
CA GLU C 7 -4.30 -6.05 -18.26
C GLU C 7 -4.95 -5.73 -16.92
N LEU C 8 -5.88 -6.58 -16.50
CA LEU C 8 -6.58 -6.39 -15.24
C LEU C 8 -5.59 -6.25 -14.09
N PHE C 9 -4.62 -7.16 -14.02
CA PHE C 9 -3.61 -7.13 -12.98
C PHE C 9 -2.95 -5.76 -12.89
N PHE C 10 -2.54 -5.23 -14.04
CA PHE C 10 -1.89 -3.93 -14.09
C PHE C 10 -2.87 -2.82 -13.76
N MET C 11 -4.16 -3.07 -14.03
CA MET C 11 -5.20 -2.09 -13.76
C MET C 11 -5.52 -2.04 -12.28
N ILE C 12 -5.41 -3.18 -11.61
CA ILE C 12 -5.68 -3.27 -10.18
C ILE C 12 -4.48 -2.86 -9.35
N ASN C 13 -3.29 -3.10 -9.89
CA ASN C 13 -2.05 -2.75 -9.21
C ASN C 13 -1.96 -1.25 -8.99
N THR C 14 -2.05 -0.49 -10.07
CA THR C 14 -1.98 0.97 -10.01
C THR C 14 -3.06 1.53 -9.09
N SER C 15 -4.19 0.82 -9.02
CA SER C 15 -5.30 1.26 -8.19
C SER C 15 -4.90 1.28 -6.71
N ILE C 16 -4.59 0.10 -6.18
CA ILE C 16 -4.19 -0.01 -4.78
C ILE C 16 -3.01 0.89 -4.47
N LEU C 17 -2.15 1.10 -5.46
CA LEU C 17 -0.98 1.95 -5.29
C LEU C 17 -1.38 3.42 -5.19
N LEU C 18 -2.05 3.92 -6.22
CA LEU C 18 -2.49 5.31 -6.25
C LEU C 18 -3.34 5.62 -5.02
N ILE C 19 -4.08 4.63 -4.54
CA ILE C 19 -4.94 4.80 -3.37
C ILE C 19 -4.12 5.09 -2.13
N PHE C 20 -3.27 4.13 -1.76
CA PHE C 20 -2.42 4.28 -0.58
C PHE C 20 -1.47 5.46 -0.74
N ILE C 21 -0.93 5.63 -1.95
CA ILE C 21 -0.02 6.72 -2.23
C ILE C 21 -0.70 8.07 -2.08
N PHE C 22 -1.82 8.25 -2.77
CA PHE C 22 -2.57 9.49 -2.71
C PHE C 22 -3.16 9.72 -1.32
N ILE C 23 -3.90 8.72 -0.83
CA ILE C 23 -4.51 8.80 0.49
C ILE C 23 -3.54 9.40 1.51
N VAL C 24 -2.34 8.83 1.57
CA VAL C 24 -1.31 9.29 2.50
C VAL C 24 -0.96 10.76 2.24
N LEU C 25 -0.58 11.05 1.00
CA LEU C 25 -0.22 12.41 0.62
C LEU C 25 -1.32 13.39 0.98
N LEU C 26 -2.56 13.02 0.70
CA LEU C 26 -3.71 13.87 1.00
C LEU C 26 -3.71 14.27 2.47
N ILE C 27 -3.68 13.28 3.35
CA ILE C 27 -3.67 13.54 4.80
C ILE C 27 -2.46 14.35 5.20
N HIS C 28 -1.28 13.91 4.76
CA HIS C 28 -0.04 14.60 5.09
C HIS C 28 -0.15 16.10 4.78
N PHE C 29 -0.95 16.43 3.78
CA PHE C 29 -1.15 17.83 3.41
C PHE C 29 -2.44 18.38 4.00
N GLU C 30 -3.34 17.48 4.38
CA GLU C 30 -4.62 17.87 4.97
C GLU C 30 -4.41 18.47 6.36
N GLY C 31 -3.17 18.42 6.84
CA GLY C 31 -2.87 18.96 8.16
C GLY C 31 -2.15 17.95 9.04
N TRP C 32 -1.16 17.28 8.48
CA TRP C 32 -0.39 16.28 9.21
C TRP C 32 1.08 16.69 9.31
N ARG C 33 1.36 17.96 9.07
CA ARG C 33 2.72 18.48 9.14
C ARG C 33 2.72 20.01 9.17
N ILE C 34 2.62 20.56 10.37
CA ILE C 34 2.61 22.01 10.53
C ILE C 34 3.80 22.65 9.82
N MET A 1 -20.17 -9.10 -12.81
CA MET A 1 -21.49 -8.60 -12.48
C MET A 1 -21.86 -8.94 -11.04
N ASP A 2 -20.86 -8.91 -10.16
CA ASP A 2 -21.08 -9.22 -8.74
C ASP A 2 -19.84 -8.88 -7.92
N SER A 3 -20.04 -8.09 -6.87
CA SER A 3 -18.93 -7.69 -6.00
C SER A 3 -18.96 -8.48 -4.70
N ALA A 4 -19.34 -9.74 -4.79
CA ALA A 4 -19.40 -10.61 -3.61
C ALA A 4 -18.00 -10.96 -3.12
N PRO A 5 -17.21 -11.61 -3.98
CA PRO A 5 -15.84 -12.02 -3.66
C PRO A 5 -14.89 -10.83 -3.54
N PHE A 6 -15.09 -9.83 -4.39
CA PHE A 6 -14.26 -8.64 -4.38
C PHE A 6 -14.37 -7.91 -3.04
N GLU A 7 -15.58 -7.87 -2.49
CA GLU A 7 -15.82 -7.20 -1.22
C GLU A 7 -14.92 -7.79 -0.12
N LEU A 8 -15.05 -9.08 0.11
CA LEU A 8 -14.24 -9.75 1.12
C LEU A 8 -12.76 -9.58 0.86
N PHE A 9 -12.36 -9.72 -0.41
CA PHE A 9 -10.96 -9.57 -0.79
C PHE A 9 -10.39 -8.26 -0.26
N PHE A 10 -11.18 -7.20 -0.35
CA PHE A 10 -10.76 -5.88 0.11
C PHE A 10 -10.82 -5.80 1.63
N MET A 11 -11.72 -6.57 2.23
CA MET A 11 -11.89 -6.59 3.67
C MET A 11 -10.69 -7.26 4.35
N ILE A 12 -10.11 -8.25 3.67
CA ILE A 12 -8.96 -8.97 4.20
C ILE A 12 -7.67 -8.17 4.00
N ASN A 13 -7.43 -7.75 2.77
CA ASN A 13 -6.24 -6.98 2.44
C ASN A 13 -6.09 -5.78 3.38
N THR A 14 -7.21 -5.22 3.79
CA THR A 14 -7.21 -4.07 4.68
C THR A 14 -6.35 -4.33 5.91
N SER A 15 -6.30 -5.59 6.34
CA SER A 15 -5.52 -5.97 7.50
C SER A 15 -4.03 -5.77 7.24
N ILE A 16 -3.48 -6.53 6.31
CA ILE A 16 -2.07 -6.42 5.96
C ILE A 16 -1.69 -4.99 5.61
N LEU A 17 -2.62 -4.27 5.01
CA LEU A 17 -2.38 -2.88 4.63
C LEU A 17 -2.33 -1.98 5.86
N LEU A 18 -3.42 -1.96 6.62
CA LEU A 18 -3.50 -1.15 7.83
C LEU A 18 -2.31 -1.42 8.75
N ILE A 19 -1.78 -2.64 8.66
CA ILE A 19 -0.63 -3.02 9.49
C ILE A 19 0.63 -2.31 9.04
N PHE A 20 1.03 -2.55 7.80
CA PHE A 20 2.24 -1.92 7.25
C PHE A 20 2.08 -0.40 7.20
N ILE A 21 0.86 0.05 6.93
CA ILE A 21 0.58 1.49 6.85
C ILE A 21 0.74 2.15 8.22
N PHE A 22 0.06 1.60 9.22
CA PHE A 22 0.12 2.14 10.58
C PHE A 22 1.51 1.93 11.18
N ILE A 23 1.95 0.67 11.21
CA ILE A 23 3.26 0.34 11.76
C ILE A 23 4.34 1.29 11.26
N VAL A 24 4.44 1.43 9.93
CA VAL A 24 5.42 2.33 9.33
C VAL A 24 5.25 3.75 9.85
N LEU A 25 4.03 4.25 9.82
CA LEU A 25 3.74 5.60 10.29
C LEU A 25 4.12 5.76 11.76
N LEU A 26 3.86 4.73 12.54
CA LEU A 26 4.16 4.75 13.97
C LEU A 26 5.65 4.98 14.19
N ILE A 27 6.48 4.23 13.49
CA ILE A 27 7.93 4.36 13.61
C ILE A 27 8.41 5.71 13.07
N HIS A 28 7.94 6.07 11.88
CA HIS A 28 8.32 7.33 11.26
C HIS A 28 8.10 8.50 12.22
N PHE A 29 7.07 8.39 13.05
CA PHE A 29 6.75 9.43 14.03
C PHE A 29 7.30 9.08 15.40
N GLU A 30 7.60 7.80 15.61
CA GLU A 30 8.13 7.33 16.88
C GLU A 30 9.56 7.82 17.09
N GLY A 31 10.10 8.50 16.07
CA GLY A 31 11.45 9.01 16.16
C GLY A 31 12.31 8.54 15.00
N TRP A 32 11.82 8.70 13.79
CA TRP A 32 12.56 8.29 12.59
C TRP A 32 12.94 9.50 11.75
N ARG A 33 13.03 10.66 12.38
CA ARG A 33 13.38 11.89 11.69
C ARG A 33 14.88 12.15 11.79
N ILE A 34 15.67 11.08 11.73
CA ILE A 34 17.11 11.20 11.81
C ILE A 34 17.69 11.81 10.54
N MET B 1 -5.68 -26.10 0.70
CA MET B 1 -4.55 -27.02 0.57
C MET B 1 -3.64 -26.59 -0.58
N ASP B 2 -3.50 -25.28 -0.76
CA ASP B 2 -2.67 -24.73 -1.82
C ASP B 2 -2.49 -23.23 -1.65
N SER B 3 -1.24 -22.78 -1.64
CA SER B 3 -0.94 -21.36 -1.47
C SER B 3 -0.49 -20.75 -2.80
N ALA B 4 -1.13 -21.18 -3.89
CA ALA B 4 -0.80 -20.67 -5.21
C ALA B 4 -1.25 -19.23 -5.38
N PRO B 5 -2.56 -18.99 -5.22
CA PRO B 5 -3.14 -17.64 -5.35
C PRO B 5 -2.74 -16.73 -4.20
N PHE B 6 -2.66 -17.29 -2.99
CA PHE B 6 -2.29 -16.53 -1.81
C PHE B 6 -0.88 -15.95 -1.95
N GLU B 7 0.01 -16.74 -2.55
CA GLU B 7 1.40 -16.31 -2.74
C GLU B 7 1.44 -15.00 -3.53
N LEU B 8 0.87 -15.01 -4.73
CA LEU B 8 0.86 -13.82 -5.57
C LEU B 8 0.24 -12.64 -4.84
N PHE B 9 -0.91 -12.87 -4.21
CA PHE B 9 -1.61 -11.82 -3.47
C PHE B 9 -0.66 -11.09 -2.53
N PHE B 10 0.21 -11.86 -1.86
CA PHE B 10 1.17 -11.29 -0.93
C PHE B 10 2.29 -10.58 -1.68
N MET B 11 2.63 -11.08 -2.86
CA MET B 11 3.68 -10.50 -3.68
C MET B 11 3.20 -9.20 -4.32
N ILE B 12 1.90 -9.09 -4.52
CA ILE B 12 1.33 -7.90 -5.13
C ILE B 12 1.15 -6.78 -4.11
N ASN B 13 0.33 -7.03 -3.10
CA ASN B 13 0.07 -6.05 -2.05
C ASN B 13 1.39 -5.54 -1.46
N THR B 14 2.22 -6.47 -1.02
CA THR B 14 3.51 -6.12 -0.42
C THR B 14 4.30 -5.20 -1.34
N SER B 15 4.10 -5.34 -2.64
CA SER B 15 4.80 -4.53 -3.63
C SER B 15 4.39 -3.05 -3.50
N ILE B 16 3.11 -2.78 -3.76
CA ILE B 16 2.59 -1.43 -3.67
C ILE B 16 2.97 -0.77 -2.35
N LEU B 17 2.85 -1.52 -1.27
CA LEU B 17 3.18 -1.02 0.06
C LEU B 17 4.68 -0.75 0.18
N LEU B 18 5.48 -1.77 -0.09
CA LEU B 18 6.93 -1.66 -0.01
C LEU B 18 7.43 -0.57 -0.95
N ILE B 19 6.63 -0.24 -1.96
CA ILE B 19 6.99 0.78 -2.93
C ILE B 19 6.89 2.17 -2.31
N PHE B 20 5.68 2.54 -1.90
CA PHE B 20 5.44 3.84 -1.29
C PHE B 20 6.12 3.95 0.08
N ILE B 21 6.08 2.85 0.83
CA ILE B 21 6.69 2.81 2.15
C ILE B 21 8.19 3.06 2.07
N PHE B 22 8.86 2.33 1.18
CA PHE B 22 10.30 2.47 1.00
C PHE B 22 10.64 3.79 0.32
N ILE B 23 10.03 4.02 -0.84
CA ILE B 23 10.26 5.24 -1.60
C ILE B 23 10.16 6.48 -0.70
N VAL B 24 9.12 6.51 0.13
CA VAL B 24 8.91 7.63 1.04
C VAL B 24 10.05 7.74 2.04
N LEU B 25 10.35 6.63 2.72
CA LEU B 25 11.42 6.61 3.70
C LEU B 25 12.76 7.00 3.08
N LEU B 26 12.97 6.55 1.85
CA LEU B 26 14.22 6.86 1.13
C LEU B 26 14.39 8.36 0.98
N ILE B 27 13.34 9.03 0.53
CA ILE B 27 13.38 10.48 0.35
C ILE B 27 13.50 11.20 1.68
N HIS B 28 12.64 10.83 2.62
CA HIS B 28 12.65 11.46 3.95
C HIS B 28 14.05 11.45 4.54
N PHE B 29 14.82 10.42 4.22
CA PHE B 29 16.19 10.30 4.72
C PHE B 29 17.20 10.78 3.68
N GLU B 30 16.76 10.82 2.43
CA GLU B 30 17.62 11.26 1.33
C GLU B 30 17.89 12.77 1.42
N GLY B 31 17.25 13.41 2.40
CA GLY B 31 17.41 14.84 2.57
C GLY B 31 16.10 15.59 2.57
N TRP B 32 15.15 15.12 3.38
CA TRP B 32 13.84 15.75 3.46
C TRP B 32 13.56 16.24 4.88
N ARG B 33 14.63 16.51 5.63
CA ARG B 33 14.50 16.99 7.00
C ARG B 33 14.51 18.51 7.04
N ILE B 34 13.80 19.13 6.10
CA ILE B 34 13.73 20.58 6.04
C ILE B 34 13.11 21.16 7.30
N MET C 1 -0.71 -15.56 -24.04
CA MET C 1 -1.22 -15.15 -25.35
C MET C 1 -2.51 -14.36 -25.20
N ASP C 2 -2.60 -13.58 -24.13
CA ASP C 2 -3.78 -12.77 -23.87
C ASP C 2 -3.54 -11.80 -22.72
N SER C 3 -3.81 -10.52 -22.97
CA SER C 3 -3.62 -9.49 -21.95
C SER C 3 -4.94 -9.09 -21.33
N ALA C 4 -5.84 -10.06 -21.15
CA ALA C 4 -7.14 -9.81 -20.56
C ALA C 4 -7.02 -9.50 -19.08
N PRO C 5 -6.47 -10.46 -18.31
CA PRO C 5 -6.29 -10.31 -16.87
C PRO C 5 -5.22 -9.29 -16.52
N PHE C 6 -4.16 -9.24 -17.33
CA PHE C 6 -3.07 -8.31 -17.10
C PHE C 6 -3.56 -6.87 -17.19
N GLU C 7 -4.45 -6.61 -18.14
CA GLU C 7 -5.00 -5.28 -18.34
C GLU C 7 -5.64 -4.76 -17.05
N LEU C 8 -6.62 -5.50 -16.54
CA LEU C 8 -7.31 -5.12 -15.32
C LEU C 8 -6.33 -4.93 -14.17
N PHE C 9 -5.37 -5.85 -14.07
CA PHE C 9 -4.36 -5.78 -13.00
C PHE C 9 -3.70 -4.42 -12.98
N PHE C 10 -3.34 -3.91 -14.16
CA PHE C 10 -2.69 -2.61 -14.26
C PHE C 10 -3.67 -1.49 -13.98
N MET C 11 -4.94 -1.72 -14.27
CA MET C 11 -5.99 -0.72 -14.05
C MET C 11 -6.30 -0.60 -12.57
N ILE C 12 -6.25 -1.72 -11.86
CA ILE C 12 -6.54 -1.74 -10.42
C ILE C 12 -5.30 -1.39 -9.61
N ASN C 13 -4.15 -1.91 -10.05
CA ASN C 13 -2.89 -1.65 -9.37
C ASN C 13 -2.70 -0.15 -9.10
N THR C 14 -2.86 0.65 -10.15
CA THR C 14 -2.71 2.10 -10.03
C THR C 14 -3.66 2.65 -8.98
N SER C 15 -4.83 2.04 -8.85
CA SER C 15 -5.83 2.49 -7.88
C SER C 15 -5.31 2.33 -6.45
N ILE C 16 -5.07 1.08 -6.06
CA ILE C 16 -4.57 0.79 -4.71
C ILE C 16 -3.34 1.63 -4.39
N LEU C 17 -2.51 1.86 -5.40
CA LEU C 17 -1.29 2.65 -5.23
C LEU C 17 -1.63 4.12 -5.00
N LEU C 18 -2.31 4.73 -5.96
CA LEU C 18 -2.70 6.13 -5.86
C LEU C 18 -3.49 6.38 -4.58
N ILE C 19 -4.26 5.38 -4.15
CA ILE C 19 -5.07 5.50 -2.95
C ILE C 19 -4.18 5.67 -1.72
N PHE C 20 -3.34 4.68 -1.46
CA PHE C 20 -2.44 4.73 -0.31
C PHE C 20 -1.48 5.91 -0.41
N ILE C 21 -0.99 6.18 -1.61
CA ILE C 21 -0.07 7.28 -1.85
C ILE C 21 -0.74 8.62 -1.57
N PHE C 22 -1.87 8.85 -2.24
CA PHE C 22 -2.61 10.10 -2.07
C PHE C 22 -3.12 10.23 -0.63
N ILE C 23 -3.86 9.22 -0.17
CA ILE C 23 -4.41 9.23 1.17
C ILE C 23 -3.38 9.74 2.18
N VAL C 24 -2.20 9.14 2.17
CA VAL C 24 -1.14 9.53 3.08
C VAL C 24 -0.79 11.01 2.91
N LEU C 25 -0.56 11.41 1.67
CA LEU C 25 -0.22 12.80 1.36
C LEU C 25 -1.30 13.76 1.86
N LEU C 26 -2.56 13.34 1.71
CA LEU C 26 -3.68 14.16 2.14
C LEU C 26 -3.60 14.44 3.65
N ILE C 27 -3.36 13.39 4.42
CA ILE C 27 -3.25 13.53 5.87
C ILE C 27 -2.00 14.31 6.26
N HIS C 28 -0.86 13.87 5.73
CA HIS C 28 0.42 14.53 6.02
C HIS C 28 0.31 16.03 5.82
N PHE C 29 -0.52 16.44 4.87
CA PHE C 29 -0.70 17.86 4.58
C PHE C 29 -1.95 18.40 5.28
N GLU C 30 -2.86 17.50 5.63
CA GLU C 30 -4.09 17.88 6.32
C GLU C 30 -3.81 18.31 7.76
N GLY C 31 -2.55 18.21 8.16
CA GLY C 31 -2.16 18.58 9.51
C GLY C 31 -1.42 17.47 10.23
N TRP C 32 -0.44 16.89 9.56
CA TRP C 32 0.35 15.82 10.14
C TRP C 32 1.84 16.09 10.00
N ARG C 33 2.19 17.35 9.84
CA ARG C 33 3.59 17.75 9.69
C ARG C 33 4.20 18.11 11.04
N ILE C 34 3.86 17.33 12.06
CA ILE C 34 4.37 17.57 13.40
C ILE C 34 5.88 17.38 13.45
N MET A 1 -19.73 -12.26 -12.79
CA MET A 1 -19.67 -10.85 -12.43
C MET A 1 -20.27 -10.63 -11.05
N ASP A 2 -19.40 -10.46 -10.06
CA ASP A 2 -19.86 -10.23 -8.68
C ASP A 2 -18.68 -9.82 -7.79
N SER A 3 -18.84 -8.69 -7.11
CA SER A 3 -17.79 -8.18 -6.22
C SER A 3 -18.02 -8.65 -4.79
N ALA A 4 -18.46 -9.89 -4.64
CA ALA A 4 -18.72 -10.46 -3.32
C ALA A 4 -17.41 -10.71 -2.57
N PRO A 5 -16.55 -11.55 -3.15
CA PRO A 5 -15.26 -11.88 -2.54
C PRO A 5 -14.29 -10.71 -2.56
N PHE A 6 -14.26 -9.98 -3.66
CA PHE A 6 -13.37 -8.83 -3.80
C PHE A 6 -13.61 -7.81 -2.69
N GLU A 7 -14.88 -7.59 -2.37
CA GLU A 7 -15.25 -6.64 -1.32
C GLU A 7 -14.50 -6.96 -0.03
N LEU A 8 -14.70 -8.16 0.50
CA LEU A 8 -14.05 -8.58 1.74
C LEU A 8 -12.54 -8.44 1.63
N PHE A 9 -11.99 -8.84 0.48
CA PHE A 9 -10.56 -8.76 0.25
C PHE A 9 -10.04 -7.35 0.51
N PHE A 10 -10.85 -6.35 0.13
CA PHE A 10 -10.48 -4.96 0.33
C PHE A 10 -10.68 -4.53 1.78
N MET A 11 -11.64 -5.17 2.44
CA MET A 11 -11.94 -4.85 3.84
C MET A 11 -10.92 -5.48 4.77
N ILE A 12 -10.37 -6.63 4.36
CA ILE A 12 -9.37 -7.32 5.15
C ILE A 12 -7.99 -6.70 4.98
N ASN A 13 -7.57 -6.54 3.73
CA ASN A 13 -6.27 -5.96 3.42
C ASN A 13 -6.11 -4.62 4.13
N THR A 14 -7.19 -3.88 4.26
CA THR A 14 -7.17 -2.57 4.91
C THR A 14 -6.43 -2.65 6.25
N SER A 15 -6.55 -3.79 6.92
CA SER A 15 -5.90 -3.99 8.22
C SER A 15 -4.38 -3.98 8.06
N ILE A 16 -3.86 -4.95 7.34
CA ILE A 16 -2.42 -5.06 7.12
C ILE A 16 -1.88 -3.79 6.48
N LEU A 17 -2.66 -3.19 5.59
CA LEU A 17 -2.25 -1.97 4.92
C LEU A 17 -2.20 -0.80 5.89
N LEU A 18 -3.29 -0.60 6.62
CA LEU A 18 -3.38 0.49 7.59
C LEU A 18 -2.28 0.38 8.64
N ILE A 19 -1.96 -0.86 8.99
CA ILE A 19 -0.91 -1.12 9.99
C ILE A 19 0.45 -0.63 9.51
N PHE A 20 0.88 -1.15 8.36
CA PHE A 20 2.16 -0.77 7.79
C PHE A 20 2.17 0.71 7.40
N ILE A 21 1.08 1.15 6.77
CA ILE A 21 0.96 2.53 6.35
C ILE A 21 1.10 3.49 7.52
N PHE A 22 0.31 3.24 8.57
CA PHE A 22 0.35 4.08 9.77
C PHE A 22 1.67 3.91 10.51
N ILE A 23 2.03 2.66 10.79
CA ILE A 23 3.28 2.37 11.49
C ILE A 23 4.45 3.13 10.89
N VAL A 24 4.58 3.04 9.56
CA VAL A 24 5.65 3.73 8.86
C VAL A 24 5.60 5.24 9.10
N LEU A 25 4.43 5.82 8.87
CA LEU A 25 4.24 7.25 9.07
C LEU A 25 4.56 7.65 10.50
N LEU A 26 3.96 6.96 11.46
CA LEU A 26 4.18 7.24 12.86
C LEU A 26 5.67 7.29 13.18
N ILE A 27 6.41 6.29 12.71
CA ILE A 27 7.85 6.22 12.95
C ILE A 27 8.58 7.34 12.21
N HIS A 28 8.23 7.52 10.94
CA HIS A 28 8.85 8.57 10.12
C HIS A 28 8.78 9.92 10.82
N PHE A 29 7.69 10.14 11.56
CA PHE A 29 7.50 11.39 12.27
C PHE A 29 7.90 11.26 13.73
N GLU A 30 7.96 10.01 14.21
CA GLU A 30 8.33 9.74 15.60
C GLU A 30 9.81 10.04 15.83
N GLY A 31 10.51 10.40 14.76
CA GLY A 31 11.93 10.70 14.88
C GLY A 31 12.77 9.89 13.91
N TRP A 32 12.40 9.92 12.64
CA TRP A 32 13.13 9.18 11.62
C TRP A 32 13.75 10.12 10.60
N ARG A 33 13.91 11.39 11.00
CA ARG A 33 14.49 12.39 10.11
C ARG A 33 15.98 12.59 10.42
N ILE A 34 16.66 11.50 10.71
CA ILE A 34 18.08 11.55 11.03
C ILE A 34 18.89 12.08 9.84
N MET B 1 -7.87 -27.90 0.92
CA MET B 1 -6.69 -27.54 1.71
C MET B 1 -5.49 -27.30 0.80
N ASP B 2 -5.19 -26.03 0.55
CA ASP B 2 -4.06 -25.68 -0.31
C ASP B 2 -3.80 -24.17 -0.25
N SER B 3 -2.56 -23.80 0.05
CA SER B 3 -2.18 -22.39 0.14
C SER B 3 -1.63 -21.90 -1.19
N ALA B 4 -2.28 -22.30 -2.28
CA ALA B 4 -1.86 -21.89 -3.62
C ALA B 4 -2.11 -20.40 -3.84
N PRO B 5 -3.39 -20.00 -3.73
CA PRO B 5 -3.80 -18.60 -3.91
C PRO B 5 -3.30 -17.70 -2.79
N PHE B 6 -3.36 -18.20 -1.56
CA PHE B 6 -2.92 -17.44 -0.40
C PHE B 6 -1.46 -17.02 -0.55
N GLU B 7 -0.63 -17.94 -1.03
CA GLU B 7 0.79 -17.67 -1.21
C GLU B 7 1.00 -16.40 -2.05
N LEU B 8 0.46 -16.43 -3.26
CA LEU B 8 0.58 -15.29 -4.18
C LEU B 8 0.04 -14.02 -3.53
N PHE B 9 -1.11 -14.14 -2.88
CA PHE B 9 -1.74 -13.00 -2.21
C PHE B 9 -0.75 -12.31 -1.27
N PHE B 10 0.09 -13.11 -0.62
CA PHE B 10 1.07 -12.57 0.32
C PHE B 10 2.29 -12.04 -0.43
N MET B 11 2.54 -12.58 -1.62
CA MET B 11 3.67 -12.15 -2.43
C MET B 11 3.35 -10.85 -3.17
N ILE B 12 2.06 -10.65 -3.46
CA ILE B 12 1.62 -9.45 -4.16
C ILE B 12 1.42 -8.29 -3.19
N ASN B 13 0.57 -8.48 -2.19
CA ASN B 13 0.29 -7.46 -1.21
C ASN B 13 1.59 -6.90 -0.62
N THR B 14 2.45 -7.80 -0.16
CA THR B 14 3.73 -7.40 0.42
C THR B 14 4.54 -6.56 -0.56
N SER B 15 4.49 -6.92 -1.83
CA SER B 15 5.23 -6.19 -2.87
C SER B 15 4.73 -4.76 -2.97
N ILE B 16 3.46 -4.60 -3.33
CA ILE B 16 2.86 -3.28 -3.47
C ILE B 16 3.13 -2.42 -2.23
N LEU B 17 2.90 -3.00 -1.06
CA LEU B 17 3.12 -2.29 0.20
C LEU B 17 4.59 -1.93 0.37
N LEU B 18 5.45 -2.94 0.33
CA LEU B 18 6.88 -2.73 0.49
C LEU B 18 7.39 -1.67 -0.50
N ILE B 19 6.76 -1.62 -1.67
CA ILE B 19 7.14 -0.66 -2.69
C ILE B 19 6.90 0.78 -2.22
N PHE B 20 5.65 1.07 -1.86
CA PHE B 20 5.28 2.39 -1.39
C PHE B 20 6.02 2.73 -0.10
N ILE B 21 6.07 1.77 0.81
CA ILE B 21 6.74 1.96 2.09
C ILE B 21 8.23 2.26 1.90
N PHE B 22 8.91 1.39 1.15
CA PHE B 22 10.33 1.57 0.89
C PHE B 22 10.58 2.82 0.06
N ILE B 23 9.82 2.98 -1.02
CA ILE B 23 9.95 4.13 -1.90
C ILE B 23 9.95 5.43 -1.10
N VAL B 24 9.04 5.54 -0.15
CA VAL B 24 8.93 6.73 0.69
C VAL B 24 10.19 6.92 1.53
N LEU B 25 10.58 5.87 2.25
CA LEU B 25 11.76 5.92 3.10
C LEU B 25 13.01 6.23 2.27
N LEU B 26 13.17 5.53 1.16
CA LEU B 26 14.31 5.73 0.28
C LEU B 26 14.48 7.20 -0.07
N ILE B 27 13.38 7.84 -0.46
CA ILE B 27 13.40 9.26 -0.81
C ILE B 27 13.70 10.12 0.39
N HIS B 28 12.98 9.88 1.49
CA HIS B 28 13.18 10.63 2.72
C HIS B 28 14.66 10.66 3.12
N PHE B 29 15.36 9.57 2.83
CA PHE B 29 16.78 9.46 3.15
C PHE B 29 17.65 9.80 1.94
N GLU B 30 17.04 9.73 0.76
CA GLU B 30 17.77 10.03 -0.47
C GLU B 30 18.06 11.52 -0.60
N GLY B 31 17.56 12.29 0.37
CA GLY B 31 17.78 13.73 0.36
C GLY B 31 16.49 14.51 0.46
N TRP B 32 15.67 14.16 1.44
CA TRP B 32 14.39 14.84 1.64
C TRP B 32 14.33 15.50 3.02
N ARG B 33 15.50 15.72 3.61
CA ARG B 33 15.59 16.35 4.93
C ARG B 33 15.78 17.86 4.80
N ILE B 34 15.09 18.47 3.84
CA ILE B 34 15.18 19.90 3.61
C ILE B 34 14.75 20.68 4.85
N MET C 1 -1.46 -14.19 -26.83
CA MET C 1 -0.64 -12.98 -26.74
C MET C 1 -1.52 -11.73 -26.79
N ASP C 2 -1.76 -11.15 -25.62
CA ASP C 2 -2.58 -9.94 -25.53
C ASP C 2 -2.48 -9.33 -24.13
N SER C 3 -2.13 -8.04 -24.08
CA SER C 3 -2.00 -7.33 -22.82
C SER C 3 -3.29 -6.60 -22.47
N ALA C 4 -4.43 -7.24 -22.74
CA ALA C 4 -5.72 -6.64 -22.45
C ALA C 4 -5.97 -6.55 -20.96
N PRO C 5 -5.96 -7.71 -20.28
CA PRO C 5 -6.17 -7.79 -18.84
C PRO C 5 -5.02 -7.21 -18.04
N PHE C 6 -3.79 -7.48 -18.49
CA PHE C 6 -2.61 -6.97 -17.82
C PHE C 6 -2.63 -5.44 -17.73
N GLU C 7 -3.07 -4.80 -18.82
CA GLU C 7 -3.14 -3.35 -18.86
C GLU C 7 -3.94 -2.81 -17.67
N LEU C 8 -5.19 -3.24 -17.57
CA LEU C 8 -6.06 -2.79 -16.49
C LEU C 8 -5.43 -3.07 -15.13
N PHE C 9 -4.87 -4.26 -14.98
CA PHE C 9 -4.22 -4.65 -13.72
C PHE C 9 -3.21 -3.60 -13.29
N PHE C 10 -2.48 -3.04 -14.26
CA PHE C 10 -1.48 -2.03 -13.98
C PHE C 10 -2.13 -0.68 -13.70
N MET C 11 -3.30 -0.46 -14.29
CA MET C 11 -4.03 0.79 -14.10
C MET C 11 -4.73 0.81 -12.75
N ILE C 12 -5.10 -0.37 -12.26
CA ILE C 12 -5.78 -0.48 -10.97
C ILE C 12 -4.79 -0.39 -9.82
N ASN C 13 -3.67 -1.10 -9.94
CA ASN C 13 -2.65 -1.10 -8.91
C ASN C 13 -2.27 0.32 -8.51
N THR C 14 -1.74 1.07 -9.47
CA THR C 14 -1.34 2.46 -9.23
C THR C 14 -2.48 3.26 -8.62
N SER C 15 -3.69 3.01 -9.09
CA SER C 15 -4.87 3.72 -8.60
C SER C 15 -5.10 3.42 -7.12
N ILE C 16 -5.35 2.16 -6.80
CA ILE C 16 -5.59 1.74 -5.42
C ILE C 16 -4.47 2.23 -4.51
N LEU C 17 -3.25 2.17 -5.01
CA LEU C 17 -2.08 2.61 -4.23
C LEU C 17 -2.11 4.12 -4.02
N LEU C 18 -2.12 4.86 -5.12
CA LEU C 18 -2.14 6.31 -5.06
C LEU C 18 -3.27 6.81 -4.15
N ILE C 19 -4.35 6.04 -4.10
CA ILE C 19 -5.49 6.39 -3.28
C ILE C 19 -5.15 6.30 -1.80
N PHE C 20 -4.75 5.11 -1.36
CA PHE C 20 -4.40 4.88 0.04
C PHE C 20 -3.20 5.74 0.43
N ILE C 21 -2.25 5.87 -0.48
CA ILE C 21 -1.05 6.66 -0.23
C ILE C 21 -1.39 8.13 -0.01
N PHE C 22 -2.12 8.71 -0.96
CA PHE C 22 -2.52 10.12 -0.86
C PHE C 22 -3.51 10.32 0.28
N ILE C 23 -4.58 9.53 0.28
CA ILE C 23 -5.60 9.62 1.31
C ILE C 23 -4.97 9.68 2.70
N VAL C 24 -4.11 8.72 3.00
CA VAL C 24 -3.44 8.67 4.30
C VAL C 24 -2.66 9.96 4.57
N LEU C 25 -1.86 10.37 3.59
CA LEU C 25 -1.07 11.59 3.73
C LEU C 25 -1.96 12.80 3.94
N LEU C 26 -2.92 13.00 3.05
CA LEU C 26 -3.84 14.13 3.15
C LEU C 26 -4.46 14.20 4.54
N ILE C 27 -4.92 13.05 5.04
CA ILE C 27 -5.52 12.98 6.37
C ILE C 27 -4.49 13.24 7.46
N HIS C 28 -3.39 12.50 7.42
CA HIS C 28 -2.33 12.65 8.41
C HIS C 28 -1.95 14.12 8.57
N PHE C 29 -2.06 14.88 7.47
CA PHE C 29 -1.72 16.29 7.49
C PHE C 29 -2.96 17.15 7.69
N GLU C 30 -4.12 16.60 7.36
CA GLU C 30 -5.38 17.31 7.50
C GLU C 30 -5.77 17.45 8.98
N GLY C 31 -4.95 16.87 9.85
CA GLY C 31 -5.20 16.94 11.27
C GLY C 31 -5.23 15.57 11.93
N TRP C 32 -4.23 14.76 11.61
CA TRP C 32 -4.14 13.41 12.18
C TRP C 32 -2.74 13.13 12.71
N ARG C 33 -1.99 14.21 12.96
CA ARG C 33 -0.62 14.07 13.47
C ARG C 33 -0.59 14.26 14.98
N ILE C 34 -1.61 13.73 15.66
CA ILE C 34 -1.70 13.84 17.11
C ILE C 34 -0.46 13.24 17.78
#